data_5EHP
#
_entry.id   5EHP
#
_cell.length_a   46.310
_cell.length_b   213.730
_cell.length_c   55.980
_cell.angle_alpha   90.000
_cell.angle_beta   96.820
_cell.angle_gamma   90.000
#
_symmetry.space_group_name_H-M   'P 1 21 1'
#
loop_
_entity.id
_entity.type
_entity.pdbx_description
1 polymer 'Tyrosine-protein phosphatase non-receptor type 11'
2 non-polymer 5-[2,3-bis(chloranyl)phenyl]-2-[(3~{R},5~{S})-3,5-dimethylpiperazin-1-yl]pyrimidin-4-amine
3 non-polymer 'PHOSPHATE ION'
4 water water
#
_entity_poly.entity_id   1
_entity_poly.type   'polypeptide(L)'
_entity_poly.pdbx_seq_one_letter_code
;SMTSRRWFHPNITGVEAENLLLTRGVDGSFLARPSKSNPGDFTLSVRRNGAVTHIKIQNTGDYYDLYGGEKFATLAELVQ
YYMEHHGQLKEKNGDVIELKYPLNCADPTSERWFHGHLSGKEAEKLLTEKGKHGSFLVRESQSHPGDFVLSVRTGDDKGE
SNDGKSKVTHVMIRCQELKYDVGGGERFDSLTDLVEHYKKNPMVETLGTVLQLKQPLNTTRINAAEIESRVRELSKLAET
TDKVKQGFWEEFETLQQQECKLLYSRKEGQRQENKNKNRYKNILPFDHTRVVLHDGDPNEPVSDYINANIIMPEFETKCN
NSKPKKSYIATQGCLQNTVNDFWRMVFQENSRVIVMTTKEVERGKSKCVKYWPDEYALKEYGVMRVRNVKESAAHDYTLR
ELKLSKVGQGNTERTVWQYHFRTWPDHGVPSDPGGVLDFLEEVHHKQESIMDAGPVVVHCSAGIGRTGTFIVIDILIDII
REKGVDCDIDVPKTIQMVRSQRSGMVQTEAQYRFIYMAVQHYIETL
;
_entity_poly.pdbx_strand_id   A,B
#
loop_
_chem_comp.id
_chem_comp.type
_chem_comp.name
_chem_comp.formula
5OA non-polymer 5-[2,3-bis(chloranyl)phenyl]-2-[(3~{R},5~{S})-3,5-dimethylpiperazin-1-yl]pyrimidin-4-amine 'C16 H19 Cl2 N5'
PO4 non-polymer 'PHOSPHATE ION' 'O4 P -3'
#
# COMPACT_ATOMS: atom_id res chain seq x y z
N SER A 4 21.19 19.82 28.72
CA SER A 4 22.25 20.29 27.81
C SER A 4 22.29 19.52 26.49
N ARG A 5 22.61 20.22 25.40
CA ARG A 5 22.76 19.64 24.05
C ARG A 5 24.09 20.18 23.44
N ARG A 6 25.10 20.45 24.31
CA ARG A 6 26.39 21.00 23.87
C ARG A 6 27.20 20.04 22.99
N TRP A 7 26.84 18.73 22.98
CA TRP A 7 27.50 17.68 22.18
C TRP A 7 27.21 17.81 20.68
N PHE A 8 26.29 18.73 20.30
CA PHE A 8 25.99 18.90 18.88
C PHE A 8 26.77 20.09 18.33
N HIS A 9 27.60 19.84 17.30
CA HIS A 9 28.42 20.87 16.66
C HIS A 9 27.85 21.12 15.25
N PRO A 10 27.19 22.26 15.00
CA PRO A 10 26.54 22.46 13.71
C PRO A 10 27.43 22.73 12.51
N ASN A 11 28.66 23.22 12.72
CA ASN A 11 29.53 23.68 11.64
C ASN A 11 30.90 23.00 11.54
N ILE A 12 31.02 21.73 11.89
CA ILE A 12 32.32 21.06 11.81
C ILE A 12 32.36 19.95 10.77
N THR A 13 33.55 19.77 10.17
CA THR A 13 33.84 18.69 9.22
C THR A 13 34.19 17.43 10.02
N GLY A 14 34.25 16.29 9.32
CA GLY A 14 34.66 15.01 9.90
C GLY A 14 36.09 15.09 10.39
N VAL A 15 36.97 15.80 9.63
CA VAL A 15 38.40 16.01 9.97
C VAL A 15 38.53 16.79 11.29
N GLU A 16 37.83 17.92 11.41
CA GLU A 16 37.80 18.73 12.63
C GLU A 16 37.28 17.93 13.82
N ALA A 17 36.19 17.13 13.62
CA ALA A 17 35.57 16.27 14.62
C ALA A 17 36.57 15.26 15.16
N GLU A 18 37.36 14.64 14.26
CA GLU A 18 38.40 13.66 14.58
C GLU A 18 39.49 14.32 15.42
N ASN A 19 39.96 15.51 14.98
CA ASN A 19 41.01 16.30 15.62
C ASN A 19 40.60 16.79 16.99
N LEU A 20 39.31 17.16 17.17
CA LEU A 20 38.73 17.61 18.44
C LEU A 20 38.75 16.48 19.44
N LEU A 21 38.28 15.29 19.05
CA LEU A 21 38.19 14.10 19.89
C LEU A 21 39.55 13.50 20.26
N LEU A 22 40.51 13.54 19.33
CA LEU A 22 41.85 12.99 19.54
C LEU A 22 42.72 13.89 20.43
N THR A 23 42.54 15.21 20.34
CA THR A 23 43.34 16.18 21.12
C THR A 23 42.65 16.72 22.38
N ARG A 24 41.30 16.80 22.40
CA ARG A 24 40.58 17.36 23.56
C ARG A 24 39.62 16.38 24.26
N GLY A 25 39.42 15.22 23.66
CA GLY A 25 38.59 14.19 24.27
C GLY A 25 39.43 13.00 24.74
N VAL A 26 38.76 11.98 25.25
CA VAL A 26 39.37 10.73 25.72
C VAL A 26 38.50 9.58 25.18
N ASP A 27 38.87 8.31 25.47
CA ASP A 27 38.06 7.17 25.06
C ASP A 27 36.69 7.31 25.72
N GLY A 28 35.63 7.23 24.90
CA GLY A 28 34.25 7.42 25.36
C GLY A 28 33.72 8.81 25.04
N SER A 29 34.59 9.71 24.52
CA SER A 29 34.18 11.07 24.13
C SER A 29 33.42 10.98 22.82
N PHE A 30 32.41 11.83 22.66
CA PHE A 30 31.59 11.81 21.45
C PHE A 30 31.03 13.16 21.13
N LEU A 31 30.56 13.29 19.90
CA LEU A 31 29.85 14.47 19.43
C LEU A 31 28.95 14.05 18.25
N ALA A 32 27.95 14.86 17.94
CA ALA A 32 27.08 14.64 16.79
C ALA A 32 27.19 15.88 15.94
N ARG A 33 26.99 15.75 14.63
CA ARG A 33 27.14 16.88 13.71
C ARG A 33 26.36 16.63 12.42
N PRO A 34 26.00 17.69 11.66
CA PRO A 34 25.33 17.46 10.36
C PRO A 34 26.34 16.91 9.35
N SER A 35 25.88 16.07 8.43
CA SER A 35 26.77 15.48 7.43
C SER A 35 27.17 16.51 6.37
N LYS A 36 28.44 16.44 5.92
CA LYS A 36 29.00 17.28 4.86
C LYS A 36 28.87 16.51 3.54
N SER A 37 29.11 15.17 3.58
CA SER A 37 29.04 14.30 2.40
C SER A 37 27.60 14.10 1.88
N ASN A 38 26.59 14.17 2.77
CA ASN A 38 25.18 14.04 2.37
C ASN A 38 24.27 14.97 3.21
N PRO A 39 24.12 16.27 2.84
CA PRO A 39 23.26 17.17 3.63
C PRO A 39 21.87 16.54 3.88
N GLY A 40 21.40 16.60 5.13
CA GLY A 40 20.13 16.01 5.58
C GLY A 40 20.37 14.87 6.56
N ASP A 41 21.58 14.29 6.50
CA ASP A 41 22.07 13.22 7.35
C ASP A 41 22.88 13.82 8.52
N PHE A 42 23.15 12.99 9.52
CA PHE A 42 23.93 13.37 10.70
C PHE A 42 25.02 12.33 10.95
N THR A 43 26.03 12.70 11.72
CA THR A 43 27.10 11.79 12.06
C THR A 43 27.34 11.83 13.55
N LEU A 44 27.46 10.66 14.15
CA LEU A 44 27.85 10.51 15.55
C LEU A 44 29.36 10.12 15.50
N SER A 45 30.25 10.98 15.99
CA SER A 45 31.72 10.70 16.00
C SER A 45 32.12 10.33 17.41
N VAL A 46 32.63 9.10 17.61
CA VAL A 46 32.96 8.53 18.92
C VAL A 46 34.43 8.10 19.03
N ARG A 47 35.08 8.50 20.12
CA ARG A 47 36.43 8.06 20.40
C ARG A 47 36.39 6.73 21.17
N ARG A 48 37.09 5.71 20.63
CA ARG A 48 37.20 4.40 21.24
C ARG A 48 38.59 3.83 20.92
N ASN A 49 39.26 3.28 21.94
CA ASN A 49 40.61 2.71 21.81
C ASN A 49 41.63 3.62 21.06
N GLY A 50 41.62 4.92 21.37
CA GLY A 50 42.51 5.91 20.75
C GLY A 50 42.23 6.25 19.29
N ALA A 51 41.12 5.73 18.74
CA ALA A 51 40.73 5.97 17.36
C ALA A 51 39.30 6.54 17.29
N VAL A 52 38.94 7.24 16.18
CA VAL A 52 37.62 7.86 16.01
C VAL A 52 36.78 7.10 14.97
N THR A 53 35.55 6.73 15.38
CA THR A 53 34.52 6.07 14.57
C THR A 53 33.45 7.13 14.24
N HIS A 54 33.00 7.14 12.98
CA HIS A 54 31.94 8.03 12.49
C HIS A 54 30.74 7.14 12.13
N ILE A 55 29.62 7.27 12.89
CA ILE A 55 28.39 6.48 12.72
C ILE A 55 27.29 7.33 12.03
N LYS A 56 26.74 6.83 10.91
CA LYS A 56 25.72 7.55 10.15
C LYS A 56 24.35 7.47 10.80
N ILE A 57 23.65 8.62 10.82
CA ILE A 57 22.28 8.81 11.30
C ILE A 57 21.52 9.37 10.11
N GLN A 58 20.49 8.65 9.70
CA GLN A 58 19.69 9.07 8.58
C GLN A 58 18.33 9.54 9.04
N ASN A 59 17.79 10.54 8.36
CA ASN A 59 16.43 11.00 8.59
C ASN A 59 15.82 11.51 7.28
N THR A 60 14.91 10.74 6.71
CA THR A 60 14.21 11.13 5.49
C THR A 60 12.86 11.80 5.80
N GLY A 61 12.52 11.87 7.08
CA GLY A 61 11.27 12.50 7.52
C GLY A 61 10.47 11.77 8.59
N ASP A 62 10.82 10.52 8.93
CA ASP A 62 10.03 9.73 9.88
C ASP A 62 10.63 9.53 11.24
N TYR A 63 11.97 9.51 11.32
CA TYR A 63 12.71 9.26 12.57
C TYR A 63 14.21 9.33 12.27
N TYR A 64 15.00 9.40 13.33
CA TYR A 64 16.47 9.36 13.27
C TYR A 64 16.87 7.88 13.31
N ASP A 65 17.44 7.41 12.20
CA ASP A 65 17.85 6.00 12.08
C ASP A 65 19.38 5.92 12.24
N LEU A 66 19.85 5.37 13.37
CA LEU A 66 21.26 5.23 13.68
C LEU A 66 21.79 3.89 13.20
N TYR A 67 22.83 3.93 12.35
CA TYR A 67 23.49 2.71 11.86
C TYR A 67 24.07 1.92 13.05
N GLY A 68 23.76 0.63 13.12
CA GLY A 68 24.20 -0.24 14.22
C GLY A 68 23.49 0.05 15.53
N GLY A 69 22.43 0.87 15.45
CA GLY A 69 21.61 1.23 16.59
C GLY A 69 20.13 1.14 16.29
N GLU A 70 19.34 1.97 16.98
CA GLU A 70 17.89 1.96 16.84
C GLU A 70 17.35 3.24 16.20
N LYS A 71 16.00 3.38 16.14
CA LYS A 71 15.30 4.54 15.61
C LYS A 71 14.81 5.42 16.73
N PHE A 72 15.02 6.74 16.58
CA PHE A 72 14.72 7.71 17.62
C PHE A 72 13.92 8.92 17.15
N ALA A 73 13.22 9.57 18.12
CA ALA A 73 12.41 10.74 17.82
C ALA A 73 13.24 12.03 17.73
N THR A 74 14.32 12.13 18.53
CA THR A 74 15.19 13.32 18.49
C THR A 74 16.60 12.85 18.77
N LEU A 75 17.59 13.64 18.39
CA LEU A 75 18.98 13.31 18.67
C LEU A 75 19.25 13.32 20.20
N ALA A 76 18.55 14.19 20.96
CA ALA A 76 18.66 14.22 22.45
C ALA A 76 18.14 12.94 23.08
N GLU A 77 17.01 12.39 22.56
CA GLU A 77 16.49 11.11 23.09
C GLU A 77 17.45 10.00 22.70
N LEU A 78 18.07 10.09 21.51
CA LEU A 78 19.06 9.10 21.05
C LEU A 78 20.26 9.10 22.04
N VAL A 79 20.85 10.29 22.28
CA VAL A 79 22.02 10.47 23.15
C VAL A 79 21.69 10.06 24.59
N GLN A 80 20.51 10.47 25.12
CA GLN A 80 20.08 10.09 26.48
C GLN A 80 19.97 8.58 26.64
N TYR A 81 19.45 7.89 25.62
CA TYR A 81 19.28 6.45 25.62
C TYR A 81 20.62 5.72 25.76
N TYR A 82 21.60 6.01 24.88
CA TYR A 82 22.91 5.36 24.89
C TYR A 82 23.78 5.80 26.07
N MET A 83 23.60 7.03 26.58
CA MET A 83 24.34 7.48 27.76
C MET A 83 23.84 6.77 29.04
N GLU A 84 22.60 6.26 29.02
CA GLU A 84 21.97 5.53 30.12
C GLU A 84 21.92 4.02 29.89
N HIS A 85 22.51 3.52 28.78
CA HIS A 85 22.49 2.08 28.45
C HIS A 85 23.89 1.53 28.15
N GLN A 88 22.44 -1.11 23.57
CA GLN A 88 23.83 -0.75 23.34
C GLN A 88 24.17 -0.53 21.88
N LEU A 89 25.15 0.34 21.62
CA LEU A 89 25.59 0.72 20.29
C LEU A 89 26.75 -0.20 19.86
N LYS A 90 26.61 -0.81 18.66
CA LYS A 90 27.61 -1.75 18.15
C LYS A 90 28.11 -1.36 16.77
N GLU A 91 29.41 -1.66 16.51
CA GLU A 91 30.08 -1.43 15.23
C GLU A 91 29.64 -2.56 14.28
N LYS A 92 30.08 -2.50 12.99
CA LYS A 92 29.76 -3.56 12.01
C LYS A 92 30.33 -4.91 12.45
N ASN A 93 31.52 -4.92 13.11
CA ASN A 93 32.18 -6.13 13.61
C ASN A 93 31.60 -6.67 14.94
N GLY A 94 30.55 -6.00 15.46
CA GLY A 94 29.86 -6.41 16.68
C GLY A 94 30.34 -5.77 17.97
N ASP A 95 31.52 -5.10 17.94
CA ASP A 95 32.11 -4.43 19.11
C ASP A 95 31.24 -3.28 19.64
N VAL A 96 31.23 -3.11 20.97
CA VAL A 96 30.45 -2.07 21.66
C VAL A 96 31.13 -0.71 21.56
N ILE A 97 30.32 0.33 21.28
CA ILE A 97 30.72 1.73 21.19
C ILE A 97 30.02 2.40 22.37
N GLU A 98 30.79 2.95 23.30
CA GLU A 98 30.25 3.59 24.50
C GLU A 98 30.21 5.11 24.35
N LEU A 99 29.05 5.73 24.67
CA LEU A 99 28.92 7.20 24.65
C LEU A 99 29.04 7.61 26.11
N LYS A 100 30.22 8.12 26.52
CA LYS A 100 30.45 8.46 27.93
C LYS A 100 30.56 9.93 28.20
N TYR A 101 31.34 10.64 27.37
CA TYR A 101 31.66 12.04 27.61
C TYR A 101 31.30 12.94 26.46
N PRO A 102 30.24 13.78 26.61
CA PRO A 102 29.94 14.74 25.55
C PRO A 102 31.14 15.65 25.31
N LEU A 103 31.49 15.88 24.05
CA LEU A 103 32.54 16.82 23.74
C LEU A 103 31.80 18.08 23.36
N ASN A 104 31.83 19.06 24.27
CA ASN A 104 31.08 20.29 24.14
C ASN A 104 31.56 21.25 23.06
N CYS A 105 30.59 21.86 22.41
CA CYS A 105 30.73 22.84 21.34
C CYS A 105 30.71 24.25 21.93
N ALA A 106 31.54 25.16 21.37
CA ALA A 106 31.63 26.57 21.82
C ALA A 106 31.01 27.55 20.82
N ASP A 107 30.57 27.04 19.66
CA ASP A 107 29.95 27.82 18.58
C ASP A 107 28.59 28.42 19.05
N PRO A 108 28.38 29.75 18.96
CA PRO A 108 27.10 30.31 19.40
C PRO A 108 26.03 30.44 18.31
N THR A 109 26.31 29.99 17.06
CA THR A 109 25.43 30.16 15.89
C THR A 109 24.00 29.57 16.03
N SER A 110 23.77 28.56 16.90
CA SER A 110 22.42 27.99 17.08
C SER A 110 21.76 28.49 18.37
N GLU A 111 22.27 29.62 18.92
CA GLU A 111 21.67 30.18 20.13
C GLU A 111 20.63 31.18 19.72
N ARG A 112 19.45 31.17 20.41
CA ARG A 112 18.34 32.08 20.15
CA ARG A 112 18.33 32.08 20.16
C ARG A 112 18.77 33.54 20.28
N TRP A 113 19.76 33.82 21.16
CA TRP A 113 20.22 35.19 21.44
C TRP A 113 21.42 35.70 20.59
N PHE A 114 22.06 34.83 19.80
CA PHE A 114 23.22 35.25 19.03
C PHE A 114 22.85 35.80 17.67
N HIS A 115 23.20 37.07 17.40
CA HIS A 115 22.86 37.74 16.14
C HIS A 115 24.01 37.96 15.17
N GLY A 116 25.24 37.67 15.60
CA GLY A 116 26.45 37.86 14.78
C GLY A 116 26.60 39.30 14.36
N HIS A 117 26.63 39.55 13.04
CA HIS A 117 26.74 40.90 12.48
C HIS A 117 25.43 41.65 12.70
N LEU A 118 25.49 42.71 13.51
CA LEU A 118 24.37 43.58 13.88
C LEU A 118 24.96 44.83 14.53
N SER A 119 24.56 46.02 14.06
CA SER A 119 25.05 47.28 14.62
C SER A 119 24.34 47.57 15.93
N GLY A 120 24.92 48.46 16.73
CA GLY A 120 24.36 48.87 18.01
C GLY A 120 23.08 49.66 17.89
N GLU A 122 20.67 49.19 15.06
CA GLU A 122 19.86 48.03 14.64
C GLU A 122 19.43 47.21 15.88
N ALA A 123 20.40 46.83 16.75
CA ALA A 123 20.15 46.09 17.98
C ALA A 123 19.20 46.85 18.86
N GLU A 124 19.40 48.20 18.97
CA GLU A 124 18.52 49.08 19.72
C GLU A 124 17.11 49.15 19.07
N LYS A 125 17.03 49.26 17.74
CA LYS A 125 15.76 49.31 16.99
C LYS A 125 14.91 48.04 17.24
N LEU A 126 15.55 46.87 17.18
CA LEU A 126 14.92 45.57 17.42
C LEU A 126 14.44 45.45 18.87
N LEU A 127 15.30 45.83 19.86
CA LEU A 127 14.91 45.78 21.28
C LEU A 127 13.79 46.77 21.61
N THR A 128 13.75 47.93 20.92
CA THR A 128 12.69 48.94 21.15
C THR A 128 11.35 48.40 20.65
N GLU A 129 11.31 47.94 19.39
CA GLU A 129 10.11 47.41 18.74
C GLU A 129 9.55 46.10 19.34
N LYS A 130 10.40 45.07 19.49
CA LYS A 130 9.98 43.73 19.91
C LYS A 130 10.30 43.34 21.36
N GLY A 131 11.29 44.00 21.94
CA GLY A 131 11.72 43.71 23.30
C GLY A 131 10.77 44.16 24.39
N LYS A 132 11.02 43.66 25.59
CA LYS A 132 10.31 43.94 26.83
C LYS A 132 11.37 43.88 27.94
N HIS A 133 10.97 44.03 29.22
CA HIS A 133 11.92 43.95 30.32
C HIS A 133 12.67 42.60 30.31
N GLY A 134 14.01 42.67 30.34
CA GLY A 134 14.88 41.51 30.33
C GLY A 134 15.19 40.88 28.99
N SER A 135 14.68 41.47 27.88
CA SER A 135 15.00 41.00 26.53
C SER A 135 16.45 41.33 26.18
N PHE A 136 17.18 40.35 25.63
CA PHE A 136 18.60 40.53 25.33
C PHE A 136 19.08 39.82 24.08
N LEU A 137 20.24 40.24 23.59
CA LEU A 137 20.91 39.66 22.44
C LEU A 137 22.41 39.84 22.56
N VAL A 138 23.18 39.03 21.83
CA VAL A 138 24.64 39.11 21.76
C VAL A 138 24.96 39.27 20.27
N ARG A 139 25.78 40.28 19.95
CA ARG A 139 26.19 40.59 18.57
C ARG A 139 27.69 40.86 18.52
N GLU A 140 28.26 40.86 17.32
CA GLU A 140 29.69 41.13 17.10
C GLU A 140 29.94 42.62 17.24
N SER A 141 31.07 43.01 17.85
CA SER A 141 31.42 44.42 18.04
C SER A 141 31.88 45.07 16.75
N SER A 143 33.31 49.87 17.59
CA SER A 143 33.67 48.62 16.92
C SER A 143 35.09 48.18 17.30
N HIS A 144 35.17 47.01 17.94
CA HIS A 144 36.39 46.37 18.39
C HIS A 144 36.35 44.98 17.74
N PRO A 145 36.81 44.80 16.47
CA PRO A 145 36.73 43.48 15.81
C PRO A 145 37.21 42.31 16.66
N GLY A 146 36.46 41.21 16.61
CA GLY A 146 36.75 40.02 17.38
C GLY A 146 36.08 40.01 18.75
N ASP A 147 35.59 41.18 19.22
CA ASP A 147 34.88 41.30 20.49
C ASP A 147 33.37 41.22 20.26
N PHE A 148 32.58 41.16 21.33
CA PHE A 148 31.13 41.04 21.23
C PHE A 148 30.44 42.06 22.11
N VAL A 149 29.12 42.24 21.93
CA VAL A 149 28.32 43.17 22.71
C VAL A 149 27.04 42.51 23.19
N LEU A 150 26.77 42.59 24.49
CA LEU A 150 25.54 42.09 25.09
C LEU A 150 24.62 43.31 25.22
N SER A 151 23.49 43.28 24.52
CA SER A 151 22.53 44.40 24.57
C SER A 151 21.26 43.91 25.27
N VAL A 152 20.90 44.57 26.39
CA VAL A 152 19.75 44.23 27.24
C VAL A 152 18.76 45.39 27.34
N ARG A 153 17.46 45.08 27.30
CA ARG A 153 16.41 46.04 27.56
C ARG A 153 15.90 45.79 29.00
N THR A 154 15.66 46.88 29.76
CA THR A 154 15.10 46.84 31.12
C THR A 154 14.05 47.94 31.23
N GLY A 155 12.93 47.64 31.91
CA GLY A 155 11.84 48.58 32.10
C GLY A 155 10.55 47.95 32.55
N SER A 166 11.73 52.66 30.44
CA SER A 166 12.48 51.59 29.77
C SER A 166 13.74 52.11 29.07
N LYS A 167 14.79 51.28 29.00
CA LYS A 167 16.06 51.63 28.33
C LYS A 167 16.79 50.40 27.77
N VAL A 168 17.82 50.63 26.94
CA VAL A 168 18.68 49.59 26.38
C VAL A 168 20.10 49.86 26.91
N THR A 169 20.75 48.82 27.50
CA THR A 169 22.13 48.90 27.99
C THR A 169 23.00 47.98 27.11
N HIS A 170 24.22 48.44 26.77
CA HIS A 170 25.20 47.70 25.99
C HIS A 170 26.41 47.37 26.89
N VAL A 171 26.70 46.07 27.03
CA VAL A 171 27.82 45.58 27.81
C VAL A 171 28.83 44.99 26.84
N MET A 172 30.06 45.47 26.89
CA MET A 172 31.13 44.99 26.02
C MET A 172 31.63 43.64 26.50
N ILE A 173 31.84 42.69 25.55
CA ILE A 173 32.36 41.34 25.83
C ILE A 173 33.70 41.21 25.15
N ARG A 174 34.76 41.15 25.96
CA ARG A 174 36.12 41.03 25.47
C ARG A 174 36.40 39.57 25.13
N CYS A 175 37.04 39.35 23.99
CA CYS A 175 37.49 38.02 23.60
C CYS A 175 39.01 38.12 23.58
N GLN A 176 39.64 37.47 24.56
CA GLN A 176 41.10 37.45 24.74
C GLN A 176 41.50 35.98 24.90
N GLU A 177 42.27 35.43 23.93
CA GLU A 177 42.75 34.03 23.92
C GLU A 177 41.61 32.99 23.90
N LEU A 178 40.56 33.29 23.13
CA LEU A 178 39.33 32.50 22.96
C LEU A 178 38.59 32.25 24.28
N LYS A 179 38.66 33.24 25.18
CA LYS A 179 37.96 33.28 26.45
C LYS A 179 37.21 34.58 26.47
N TYR A 180 36.06 34.59 27.12
CA TYR A 180 35.18 35.74 27.13
C TYR A 180 34.98 36.30 28.51
N ASP A 181 34.92 37.61 28.62
CA ASP A 181 34.71 38.31 29.88
C ASP A 181 34.04 39.64 29.64
N VAL A 182 33.44 40.22 30.68
CA VAL A 182 32.75 41.51 30.59
C VAL A 182 33.60 42.66 31.23
N GLY A 183 34.93 42.53 31.22
CA GLY A 183 35.83 43.57 31.72
C GLY A 183 36.61 43.19 32.97
N GLY A 184 36.04 42.31 33.77
CA GLY A 184 36.64 41.78 34.97
C GLY A 184 35.96 40.50 35.42
N GLY A 185 36.51 39.89 36.45
CA GLY A 185 35.96 38.67 37.04
C GLY A 185 36.34 37.42 36.25
N GLU A 186 35.36 36.54 36.03
CA GLU A 186 35.60 35.26 35.36
C GLU A 186 35.78 35.38 33.84
N ARG A 187 36.55 34.45 33.28
CA ARG A 187 36.82 34.32 31.85
C ARG A 187 36.20 33.00 31.40
N PHE A 188 35.23 33.07 30.49
CA PHE A 188 34.47 31.93 30.01
C PHE A 188 35.02 31.29 28.75
N ASP A 189 34.87 29.96 28.62
CA ASP A 189 35.34 29.16 27.48
C ASP A 189 34.51 29.38 26.22
N SER A 190 33.30 29.96 26.38
CA SER A 190 32.38 30.23 25.27
C SER A 190 31.41 31.35 25.61
N LEU A 191 30.79 31.96 24.59
CA LEU A 191 29.76 33.00 24.80
C LEU A 191 28.59 32.38 25.54
N THR A 192 28.28 31.09 25.26
CA THR A 192 27.19 30.37 25.95
C THR A 192 27.42 30.35 27.46
N ASP A 193 28.62 29.96 27.89
CA ASP A 193 28.99 29.91 29.30
C ASP A 193 28.89 31.28 29.99
N LEU A 194 29.29 32.37 29.27
CA LEU A 194 29.22 33.73 29.78
C LEU A 194 27.76 34.14 30.01
N VAL A 195 26.92 33.90 29.00
CA VAL A 195 25.49 34.24 29.04
C VAL A 195 24.76 33.49 30.15
N GLU A 196 25.03 32.18 30.31
CA GLU A 196 24.40 31.38 31.38
C GLU A 196 24.74 31.90 32.76
N HIS A 197 26.02 32.25 32.95
CA HIS A 197 26.54 32.81 34.20
C HIS A 197 25.81 34.12 34.55
N TYR A 198 25.81 35.10 33.61
CA TYR A 198 25.18 36.39 33.87
C TYR A 198 23.65 36.33 33.81
N LYS A 199 23.09 35.15 33.48
CA LYS A 199 21.65 34.88 33.52
C LYS A 199 21.31 34.50 34.98
N LYS A 200 22.16 33.67 35.60
CA LYS A 200 22.02 33.21 36.98
C LYS A 200 22.41 34.31 37.97
N ASN A 201 23.56 34.96 37.74
CA ASN A 201 24.11 36.03 38.58
C ASN A 201 24.05 37.35 37.77
N PRO A 202 22.88 38.05 37.72
CA PRO A 202 22.80 39.26 36.88
C PRO A 202 23.73 40.40 37.26
N MET A 203 24.29 41.07 36.23
CA MET A 203 25.17 42.23 36.41
C MET A 203 24.34 43.35 37.02
N VAL A 204 24.93 44.08 37.98
CA VAL A 204 24.24 45.18 38.65
C VAL A 204 25.04 46.44 38.37
N GLU A 205 24.36 47.47 37.84
CA GLU A 205 24.94 48.75 37.48
C GLU A 205 25.29 49.54 38.74
N LEU A 207 24.36 52.34 40.00
CA LEU A 207 23.19 53.01 40.53
C LEU A 207 21.98 52.07 40.81
N GLY A 208 22.21 50.76 40.74
CA GLY A 208 21.22 49.76 41.12
C GLY A 208 20.46 48.96 40.08
N THR A 209 20.48 49.36 38.78
CA THR A 209 19.76 48.61 37.75
C THR A 209 20.31 47.18 37.64
N VAL A 210 19.41 46.19 37.72
CA VAL A 210 19.79 44.77 37.59
C VAL A 210 19.65 44.42 36.09
N LEU A 211 20.75 44.02 35.45
CA LEU A 211 20.74 43.69 34.01
C LEU A 211 20.33 42.23 33.82
N GLN A 212 19.06 41.94 34.15
CA GLN A 212 18.52 40.60 34.06
C GLN A 212 18.29 40.16 32.63
N LEU A 213 18.77 38.98 32.31
CA LEU A 213 18.66 38.38 30.97
C LEU A 213 17.48 37.40 31.10
N LYS A 214 16.26 37.90 30.85
CA LYS A 214 15.01 37.15 31.03
C LYS A 214 14.70 36.23 29.87
N GLN A 215 14.81 36.75 28.64
CA GLN A 215 14.54 35.97 27.43
C GLN A 215 15.27 36.57 26.22
N PRO A 216 15.72 35.73 25.26
CA PRO A 216 16.35 36.27 24.05
C PRO A 216 15.33 37.09 23.29
N LEU A 217 15.81 38.09 22.52
CA LEU A 217 14.89 38.89 21.74
C LEU A 217 14.20 37.99 20.67
N ASN A 218 12.88 38.10 20.53
CA ASN A 218 12.14 37.32 19.54
C ASN A 218 12.40 37.88 18.14
N THR A 219 12.80 37.03 17.18
CA THR A 219 13.04 37.47 15.78
C THR A 219 12.22 36.61 14.80
N THR A 220 11.59 35.53 15.29
CA THR A 220 10.84 34.58 14.45
C THR A 220 9.36 34.93 14.27
N ARG A 221 8.75 35.64 15.23
CA ARG A 221 7.34 36.05 15.10
C ARG A 221 7.22 37.05 13.94
N ILE A 222 6.37 36.74 12.96
CA ILE A 222 6.14 37.59 11.79
C ILE A 222 4.65 37.88 11.66
N ASN A 223 4.33 38.98 10.95
CA ASN A 223 2.95 39.27 10.60
C ASN A 223 2.64 38.33 9.43
N ALA A 224 1.50 37.60 9.43
CA ALA A 224 1.18 36.65 8.35
C ALA A 224 1.28 37.23 6.95
N ALA A 225 0.82 38.49 6.76
CA ALA A 225 0.89 39.22 5.51
C ALA A 225 2.30 39.27 4.92
N GLU A 226 3.35 39.39 5.79
CA GLU A 226 4.75 39.48 5.34
C GLU A 226 5.49 38.12 5.25
N ILE A 227 4.74 37.01 5.11
CA ILE A 227 5.31 35.66 4.96
C ILE A 227 6.30 35.58 3.75
N GLU A 228 5.88 36.08 2.57
CA GLU A 228 6.70 36.09 1.37
C GLU A 228 8.05 36.74 1.63
N SER A 229 8.06 37.85 2.38
CA SER A 229 9.29 38.57 2.72
C SER A 229 10.20 37.71 3.58
N ARG A 230 9.65 37.09 4.65
CA ARG A 230 10.42 36.23 5.54
C ARG A 230 10.95 34.97 4.78
N VAL A 231 10.13 34.40 3.88
CA VAL A 231 10.50 33.22 3.09
C VAL A 231 11.69 33.57 2.18
N ARG A 232 11.63 34.75 1.53
CA ARG A 232 12.73 35.27 0.71
C ARG A 232 14.03 35.40 1.55
N GLU A 233 13.95 36.01 2.74
CA GLU A 233 15.09 36.18 3.64
C GLU A 233 15.66 34.81 4.11
N LEU A 234 14.77 33.87 4.52
CA LEU A 234 15.19 32.54 4.98
C LEU A 234 15.78 31.67 3.86
N SER A 235 15.39 31.94 2.60
CA SER A 235 15.85 31.21 1.41
C SER A 235 17.31 31.55 1.04
N LYS A 236 17.83 32.69 1.51
CA LYS A 236 19.19 33.15 1.26
C LYS A 236 20.24 32.32 2.02
N LEU A 237 21.49 32.28 1.50
CA LEU A 237 22.62 31.56 2.10
C LEU A 237 22.97 32.20 3.43
N ALA A 238 23.20 31.36 4.46
CA ALA A 238 23.49 31.80 5.82
C ALA A 238 24.93 32.26 5.97
N LYS A 245 24.20 26.19 2.85
CA LYS A 245 23.05 26.15 3.77
C LYS A 245 22.29 27.49 3.77
N GLN A 246 20.97 27.43 3.98
CA GLN A 246 20.12 28.62 3.99
C GLN A 246 19.74 29.05 5.41
N GLY A 247 19.06 30.20 5.50
CA GLY A 247 18.51 30.73 6.75
C GLY A 247 17.54 29.75 7.38
N PHE A 248 16.81 28.95 6.56
CA PHE A 248 15.89 27.90 7.06
C PHE A 248 16.67 26.91 7.89
N TRP A 249 17.86 26.49 7.39
CA TRP A 249 18.72 25.52 8.10
C TRP A 249 19.11 26.09 9.47
N GLU A 250 19.55 27.35 9.51
CA GLU A 250 19.99 27.98 10.76
C GLU A 250 18.83 28.14 11.75
N GLU A 251 17.64 28.50 11.24
CA GLU A 251 16.48 28.67 12.13
C GLU A 251 16.07 27.31 12.72
N PHE A 252 15.98 26.29 11.85
CA PHE A 252 15.64 24.92 12.25
C PHE A 252 16.61 24.36 13.30
N GLU A 253 17.92 24.55 13.09
CA GLU A 253 18.91 24.03 14.03
C GLU A 253 18.90 24.76 15.39
N THR A 254 18.45 26.03 15.42
CA THR A 254 18.27 26.78 16.68
C THR A 254 17.06 26.18 17.42
N LEU A 255 16.02 25.79 16.66
CA LEU A 255 14.85 25.09 17.26
C LEU A 255 15.29 23.71 17.81
N GLN A 256 16.07 22.93 17.04
CA GLN A 256 16.61 21.63 17.45
C GLN A 256 17.46 21.70 18.73
N GLN A 257 18.23 22.79 18.90
CA GLN A 257 19.08 22.99 20.09
C GLN A 257 18.26 23.02 21.37
N GLN A 258 16.97 23.44 21.28
CA GLN A 258 16.03 23.55 22.40
C GLN A 258 15.27 22.24 22.70
N GLU A 259 15.57 21.15 21.98
CA GLU A 259 14.86 19.88 22.19
C GLU A 259 15.21 19.23 23.52
N CYS A 260 16.40 19.57 24.09
CA CYS A 260 16.83 19.00 25.36
CA CYS A 260 16.87 19.04 25.37
C CYS A 260 15.95 19.47 26.52
N LYS A 261 15.08 20.49 26.29
CA LYS A 261 14.13 20.99 27.29
C LYS A 261 12.89 20.08 27.30
N LEU A 262 12.78 19.16 26.33
CA LEU A 262 11.58 18.34 26.17
C LEU A 262 11.76 16.87 26.47
N LEU A 263 12.76 16.52 27.31
CA LEU A 263 12.98 15.12 27.67
C LEU A 263 12.01 14.65 28.78
N TYR A 264 10.70 14.75 28.52
CA TYR A 264 9.66 14.35 29.50
C TYR A 264 9.57 12.83 29.66
N SER A 265 9.02 12.35 30.78
CA SER A 265 8.94 10.91 31.04
C SER A 265 8.02 10.21 30.05
N ARG A 266 8.43 9.01 29.68
CA ARG A 266 7.71 8.11 28.75
C ARG A 266 7.73 6.71 29.41
N LYS A 267 7.44 6.66 30.73
CA LYS A 267 7.45 5.42 31.51
C LYS A 267 6.41 4.41 31.08
N GLU A 268 5.16 4.87 30.81
CA GLU A 268 4.12 3.92 30.46
C GLU A 268 4.45 3.12 29.22
N GLY A 269 4.98 3.77 28.18
CA GLY A 269 5.37 3.11 26.94
C GLY A 269 6.46 2.07 27.08
N GLN A 270 7.27 2.18 28.15
CA GLN A 270 8.41 1.31 28.46
C GLN A 270 8.03 0.06 29.24
N ARG A 271 6.80 0.01 29.79
CA ARG A 271 6.33 -1.13 30.56
C ARG A 271 6.32 -2.42 29.73
N GLN A 272 6.66 -3.54 30.35
CA GLN A 272 6.72 -4.84 29.67
C GLN A 272 5.50 -5.16 28.81
N GLU A 273 4.28 -4.99 29.37
CA GLU A 273 3.02 -5.30 28.69
C GLU A 273 2.74 -4.35 27.52
N ASN A 274 3.43 -3.19 27.49
CA ASN A 274 3.24 -2.17 26.45
C ASN A 274 4.30 -2.18 25.36
N LYS A 275 5.44 -2.91 25.55
CA LYS A 275 6.55 -2.94 24.58
C LYS A 275 6.14 -3.28 23.15
N ASN A 276 5.37 -4.35 22.94
CA ASN A 276 4.93 -4.74 21.61
C ASN A 276 3.74 -3.93 21.08
N LYS A 277 3.31 -2.88 21.81
CA LYS A 277 2.26 -1.98 21.34
C LYS A 277 2.90 -0.77 20.61
N ASN A 278 4.24 -0.72 20.60
CA ASN A 278 5.01 0.33 19.93
C ASN A 278 5.59 -0.12 18.61
N ARG A 279 5.38 0.66 17.52
CA ARG A 279 5.93 0.34 16.21
C ARG A 279 7.47 0.40 16.29
N TYR A 280 7.99 1.44 16.97
CA TYR A 280 9.41 1.64 17.19
C TYR A 280 9.63 1.71 18.68
N LYS A 281 10.42 0.74 19.20
CA LYS A 281 10.76 0.54 20.61
C LYS A 281 11.08 1.82 21.39
N ASN A 282 11.82 2.72 20.77
CA ASN A 282 12.27 3.94 21.44
C ASN A 282 11.47 5.21 21.08
N ILE A 283 10.41 5.08 20.28
CA ILE A 283 9.55 6.22 19.91
C ILE A 283 8.26 6.05 20.70
N LEU A 284 8.18 6.81 21.82
CA LEU A 284 7.15 6.69 22.84
C LEU A 284 6.39 7.94 23.15
N PRO A 285 5.15 7.78 23.63
CA PRO A 285 4.33 8.94 23.99
C PRO A 285 4.69 9.45 25.38
N PHE A 286 4.73 10.77 25.56
CA PHE A 286 4.97 11.35 26.87
C PHE A 286 3.84 10.92 27.79
N ASP A 287 4.16 10.60 29.04
CA ASP A 287 3.12 10.17 29.98
C ASP A 287 2.09 11.26 30.23
N HIS A 288 2.52 12.52 30.30
CA HIS A 288 1.67 13.64 30.67
C HIS A 288 0.63 14.02 29.60
N THR A 289 0.83 13.58 28.33
CA THR A 289 -0.15 13.84 27.29
C THR A 289 -0.67 12.59 26.58
N ARG A 290 -0.25 11.37 27.00
CA ARG A 290 -0.71 10.17 26.32
C ARG A 290 -2.22 10.00 26.41
N VAL A 291 -2.80 9.34 25.41
CA VAL A 291 -4.22 9.02 25.46
C VAL A 291 -4.36 7.77 26.36
N VAL A 292 -5.03 7.93 27.53
CA VAL A 292 -5.30 6.83 28.46
C VAL A 292 -6.63 6.18 28.06
N LEU A 293 -6.62 4.85 27.83
CA LEU A 293 -7.82 4.12 27.42
C LEU A 293 -8.50 3.53 28.64
N HIS A 294 -9.76 3.88 28.83
CA HIS A 294 -10.58 3.42 29.94
C HIS A 294 -11.49 2.28 29.46
N ASP A 295 -12.24 1.68 30.39
CA ASP A 295 -13.19 0.59 30.10
C ASP A 295 -12.58 -0.62 29.38
N GLY A 296 -11.33 -0.93 29.70
CA GLY A 296 -10.60 -2.07 29.13
C GLY A 296 -11.14 -3.42 29.55
N PRO A 298 -11.70 -6.20 31.72
CA PRO A 298 -11.14 -6.38 33.08
C PRO A 298 -10.17 -7.55 33.19
N ASN A 299 -10.19 -8.50 32.21
CA ASN A 299 -9.33 -9.69 32.13
C ASN A 299 -7.89 -9.37 31.70
N GLU A 300 -7.68 -8.16 31.14
CA GLU A 300 -6.39 -7.68 30.63
C GLU A 300 -5.71 -6.81 31.69
N PRO A 301 -4.62 -7.31 32.33
CA PRO A 301 -3.96 -6.51 33.38
C PRO A 301 -3.61 -5.08 32.93
N VAL A 302 -3.09 -4.90 31.70
CA VAL A 302 -2.75 -3.55 31.17
C VAL A 302 -3.50 -3.30 29.86
N SER A 303 -4.64 -2.61 29.96
CA SER A 303 -5.50 -2.35 28.81
C SER A 303 -5.67 -0.85 28.54
N ASP A 304 -4.83 0.02 29.13
CA ASP A 304 -5.01 1.48 29.05
C ASP A 304 -4.04 2.18 28.10
N TYR A 305 -3.26 1.42 27.33
CA TYR A 305 -2.19 2.01 26.55
C TYR A 305 -2.36 2.00 25.08
N ILE A 306 -1.97 3.12 24.46
CA ILE A 306 -1.85 3.26 23.03
C ILE A 306 -0.71 4.27 22.80
N ASN A 307 0.04 4.07 21.74
CA ASN A 307 1.12 4.99 21.38
C ASN A 307 0.46 6.16 20.62
N ALA A 308 -0.06 7.15 21.40
CA ALA A 308 -0.78 8.32 20.90
C ALA A 308 -0.73 9.40 21.96
N ASN A 309 -0.74 10.66 21.49
CA ASN A 309 -0.78 11.81 22.39
C ASN A 309 -1.82 12.83 21.96
N ILE A 310 -2.47 13.46 22.94
CA ILE A 310 -3.35 14.58 22.64
C ILE A 310 -2.44 15.74 22.30
N ILE A 311 -2.76 16.47 21.24
CA ILE A 311 -2.06 17.69 20.85
C ILE A 311 -3.09 18.85 20.91
N MET A 312 -2.88 19.82 21.81
CA MET A 312 -3.73 21.04 21.95
C MET A 312 -3.03 22.22 21.28
N PRO A 313 -3.73 23.05 20.47
CA PRO A 313 -3.05 24.15 19.76
C PRO A 313 -2.58 25.38 20.57
N GLU A 314 -2.81 25.47 21.89
CA GLU A 314 -2.23 26.65 22.54
C GLU A 314 -1.51 26.32 23.85
N PHE A 315 -1.50 25.01 24.21
CA PHE A 315 -0.87 24.34 25.35
C PHE A 315 -0.09 25.26 26.32
N LYS A 323 -10.30 23.32 23.34
CA LYS A 323 -11.50 22.54 23.05
C LYS A 323 -11.12 21.23 22.36
N PRO A 324 -11.81 20.10 22.66
CA PRO A 324 -11.48 18.82 21.97
C PRO A 324 -11.66 18.94 20.45
N LYS A 325 -12.69 19.67 19.98
CA LYS A 325 -12.97 19.87 18.55
C LYS A 325 -11.84 20.60 17.78
N LYS A 326 -10.97 21.35 18.48
CA LYS A 326 -9.85 22.09 17.87
C LYS A 326 -8.51 21.41 18.20
N SER A 327 -8.59 20.19 18.76
CA SER A 327 -7.41 19.45 19.21
C SER A 327 -7.12 18.29 18.25
N TYR A 328 -6.01 17.61 18.45
CA TYR A 328 -5.65 16.48 17.59
C TYR A 328 -5.19 15.34 18.45
N ILE A 329 -5.13 14.17 17.86
CA ILE A 329 -4.46 13.03 18.48
C ILE A 329 -3.38 12.64 17.49
N ALA A 330 -2.13 12.66 17.92
CA ALA A 330 -1.03 12.24 17.05
C ALA A 330 -0.68 10.81 17.46
N THR A 331 -0.71 9.90 16.50
CA THR A 331 -0.45 8.49 16.79
C THR A 331 0.33 7.82 15.71
N GLN A 332 0.76 6.59 15.98
CA GLN A 332 1.52 5.79 15.01
C GLN A 332 0.55 5.00 14.08
N GLY A 333 1.11 4.43 13.01
CA GLY A 333 0.36 3.53 12.14
C GLY A 333 0.08 2.26 12.92
N CYS A 334 -1.19 1.78 12.91
CA CYS A 334 -1.61 0.55 13.60
C CYS A 334 -0.71 -0.63 13.32
N LEU A 335 -0.56 -1.46 14.36
CA LEU A 335 0.12 -2.74 14.27
C LEU A 335 -1.07 -3.71 14.27
N GLN A 336 -0.86 -4.96 13.84
CA GLN A 336 -1.94 -5.93 13.84
C GLN A 336 -2.53 -6.07 15.25
N ASN A 337 -1.69 -6.03 16.30
CA ASN A 337 -2.10 -6.16 17.71
C ASN A 337 -2.59 -4.86 18.36
N THR A 338 -2.66 -3.73 17.59
CA THR A 338 -3.15 -2.48 18.17
C THR A 338 -4.38 -1.93 17.48
N VAL A 339 -4.90 -2.64 16.48
CA VAL A 339 -6.10 -2.22 15.74
C VAL A 339 -7.27 -2.01 16.71
N ASN A 340 -7.53 -3.01 17.62
CA ASN A 340 -8.68 -2.88 18.54
C ASN A 340 -8.51 -1.69 19.48
N ASP A 341 -7.29 -1.46 19.97
CA ASP A 341 -6.98 -0.33 20.85
C ASP A 341 -7.16 1.00 20.10
N PHE A 342 -6.82 1.01 18.80
CA PHE A 342 -7.02 2.20 17.96
C PHE A 342 -8.53 2.56 17.91
N TRP A 343 -9.40 1.56 17.65
CA TRP A 343 -10.84 1.83 17.58
C TRP A 343 -11.43 2.19 18.93
N ARG A 344 -10.89 1.61 20.04
CA ARG A 344 -11.29 2.02 21.40
C ARG A 344 -10.94 3.51 21.59
N MET A 345 -9.78 3.93 21.11
CA MET A 345 -9.35 5.35 21.23
C MET A 345 -10.29 6.28 20.48
N VAL A 346 -10.54 6.00 19.19
CA VAL A 346 -11.42 6.82 18.35
C VAL A 346 -12.81 6.96 19.01
N PHE A 347 -13.38 5.83 19.48
CA PHE A 347 -14.69 5.82 20.13
C PHE A 347 -14.72 6.66 21.41
N GLN A 348 -13.75 6.42 22.30
CA GLN A 348 -13.66 7.10 23.59
C GLN A 348 -13.53 8.61 23.48
N GLU A 349 -12.69 9.05 22.52
CA GLU A 349 -12.36 10.45 22.31
C GLU A 349 -13.37 11.16 21.45
N ASN A 350 -14.34 10.39 20.92
CA ASN A 350 -15.43 10.92 20.09
C ASN A 350 -14.87 11.56 18.80
N SER A 351 -13.68 11.06 18.35
CA SER A 351 -13.07 11.55 17.10
C SER A 351 -13.95 11.17 15.89
N ARG A 352 -14.17 12.14 14.98
CA ARG A 352 -15.03 11.94 13.82
C ARG A 352 -14.27 11.98 12.51
N VAL A 353 -13.00 12.36 12.60
CA VAL A 353 -12.11 12.52 11.45
C VAL A 353 -10.75 11.90 11.75
N ILE A 354 -10.25 11.12 10.77
CA ILE A 354 -8.93 10.48 10.82
C ILE A 354 -8.17 10.98 9.59
N VAL A 355 -6.92 11.36 9.81
CA VAL A 355 -5.99 11.80 8.76
C VAL A 355 -4.86 10.79 8.70
N MET A 356 -4.81 10.04 7.60
CA MET A 356 -3.75 9.06 7.41
C MET A 356 -2.78 9.62 6.35
N THR A 357 -1.48 9.71 6.67
CA THR A 357 -0.52 10.37 5.78
C THR A 357 0.60 9.42 5.31
N THR A 358 0.27 8.15 5.16
CA THR A 358 1.19 7.12 4.66
C THR A 358 0.40 6.14 3.83
N LYS A 359 1.07 5.41 2.94
CA LYS A 359 0.42 4.29 2.28
C LYS A 359 0.55 3.17 3.31
N GLU A 360 -0.17 2.05 3.17
CA GLU A 360 0.02 0.92 4.08
C GLU A 360 1.43 0.35 3.94
N VAL A 361 1.94 0.33 2.71
CA VAL A 361 3.27 -0.18 2.40
C VAL A 361 4.02 0.86 1.61
N GLU A 362 5.26 1.13 2.04
CA GLU A 362 6.21 2.01 1.37
C GLU A 362 7.58 1.37 1.36
N ARG A 363 8.21 1.35 0.18
CA ARG A 363 9.55 0.73 0.00
C ARG A 363 9.58 -0.73 0.45
N GLY A 364 8.48 -1.44 0.23
CA GLY A 364 8.34 -2.83 0.63
C GLY A 364 8.19 -3.09 2.11
N LYS A 365 7.99 -2.04 2.93
CA LYS A 365 7.85 -2.24 4.37
C LYS A 365 6.45 -1.78 4.84
N SER A 366 5.84 -2.51 5.76
CA SER A 366 4.52 -2.16 6.27
C SER A 366 4.66 -0.95 7.20
N LYS A 367 3.95 0.15 6.89
CA LYS A 367 3.96 1.38 7.69
C LYS A 367 2.71 1.46 8.56
N CYS A 368 1.64 0.80 8.15
CA CYS A 368 0.37 0.84 8.86
C CYS A 368 -0.48 -0.34 8.41
N VAL A 369 -0.99 -1.12 9.34
CA VAL A 369 -1.87 -2.22 8.91
C VAL A 369 -3.24 -1.66 8.46
N LYS A 370 -3.98 -2.42 7.64
CA LYS A 370 -5.30 -1.96 7.18
C LYS A 370 -6.26 -2.11 8.38
N TYR A 371 -6.58 -1.00 9.06
CA TYR A 371 -7.43 -1.07 10.25
C TYR A 371 -8.90 -0.82 9.93
N TRP A 372 -9.24 -0.65 8.65
CA TRP A 372 -10.60 -0.36 8.20
C TRP A 372 -11.11 -1.46 7.28
N PRO A 373 -12.43 -1.69 7.24
CA PRO A 373 -12.96 -2.75 6.35
C PRO A 373 -12.89 -2.36 4.87
N ASP A 374 -13.00 -3.36 3.98
CA ASP A 374 -13.10 -3.11 2.53
C ASP A 374 -14.42 -2.33 2.30
N GLU A 375 -14.53 -1.62 1.16
CA GLU A 375 -15.74 -0.84 0.86
C GLU A 375 -16.98 -1.76 0.94
N TYR A 376 -18.02 -1.30 1.63
CA TYR A 376 -19.32 -1.97 1.83
C TYR A 376 -19.28 -3.10 2.87
N ALA A 377 -18.10 -3.45 3.40
CA ALA A 377 -17.92 -4.50 4.37
C ALA A 377 -18.09 -4.01 5.81
N LEU A 378 -18.46 -4.95 6.68
CA LEU A 378 -18.63 -4.73 8.10
C LEU A 378 -17.67 -5.64 8.85
N LYS A 379 -16.93 -5.09 9.82
CA LYS A 379 -16.01 -5.87 10.64
C LYS A 379 -16.13 -5.51 12.11
N GLU A 380 -15.82 -6.48 12.98
CA GLU A 380 -15.73 -6.23 14.42
C GLU A 380 -14.27 -6.28 14.79
N TYR A 381 -13.82 -5.28 15.53
CA TYR A 381 -12.44 -5.15 15.99
C TYR A 381 -12.59 -5.13 17.49
N GLY A 382 -12.60 -6.31 18.12
CA GLY A 382 -12.90 -6.40 19.56
C GLY A 382 -14.34 -5.99 19.80
N VAL A 383 -14.57 -5.09 20.77
CA VAL A 383 -15.90 -4.55 21.16
C VAL A 383 -16.45 -3.51 20.18
N MET A 384 -15.64 -3.08 19.21
CA MET A 384 -16.03 -2.04 18.26
C MET A 384 -16.38 -2.63 16.92
N ARG A 385 -17.42 -2.11 16.31
CA ARG A 385 -17.93 -2.52 15.00
C ARG A 385 -17.73 -1.36 14.03
N VAL A 386 -17.23 -1.66 12.82
CA VAL A 386 -17.00 -0.62 11.80
C VAL A 386 -17.56 -1.07 10.46
N ARG A 387 -18.34 -0.19 9.82
CA ARG A 387 -18.85 -0.37 8.46
C ARG A 387 -18.15 0.65 7.56
N ASN A 388 -17.60 0.20 6.43
CA ASN A 388 -17.08 1.11 5.41
C ASN A 388 -18.26 1.36 4.46
N VAL A 389 -18.91 2.53 4.61
CA VAL A 389 -20.12 2.91 3.87
C VAL A 389 -19.83 3.19 2.42
N LYS A 390 -18.78 3.97 2.15
CA LYS A 390 -18.45 4.40 0.80
C LYS A 390 -17.05 4.95 0.76
N GLU A 391 -16.33 4.69 -0.33
CA GLU A 391 -15.01 5.25 -0.58
C GLU A 391 -15.12 6.19 -1.77
N SER A 392 -14.37 7.29 -1.73
CA SER A 392 -14.38 8.28 -2.79
C SER A 392 -12.94 8.64 -3.11
N ALA A 393 -12.53 8.50 -4.36
CA ALA A 393 -11.15 8.78 -4.75
C ALA A 393 -11.00 10.16 -5.31
N ALA A 394 -10.00 10.89 -4.81
CA ALA A 394 -9.66 12.24 -5.25
C ALA A 394 -8.21 12.16 -5.79
N HIS A 395 -7.67 13.26 -6.34
CA HIS A 395 -6.32 13.18 -6.93
C HIS A 395 -5.21 12.72 -5.95
N ASP A 396 -5.11 13.37 -4.77
CA ASP A 396 -4.05 13.05 -3.80
C ASP A 396 -4.47 12.18 -2.65
N TYR A 397 -5.80 11.92 -2.52
CA TYR A 397 -6.31 11.19 -1.39
C TYR A 397 -7.59 10.38 -1.69
N THR A 398 -7.92 9.45 -0.78
CA THR A 398 -9.14 8.64 -0.74
C THR A 398 -9.89 9.00 0.55
N LEU A 399 -11.21 9.23 0.42
CA LEU A 399 -12.07 9.45 1.57
C LEU A 399 -12.82 8.16 1.82
N ARG A 400 -12.84 7.69 3.08
CA ARG A 400 -13.61 6.50 3.46
C ARG A 400 -14.62 6.94 4.52
N GLU A 401 -15.90 6.79 4.18
CA GLU A 401 -16.97 7.11 5.13
C GLU A 401 -17.20 5.87 5.98
N LEU A 402 -16.83 5.93 7.26
CA LEU A 402 -16.94 4.78 8.15
C LEU A 402 -18.04 4.98 9.21
N LYS A 403 -18.71 3.89 9.65
CA LYS A 403 -19.70 3.94 10.72
C LYS A 403 -19.12 3.12 11.84
N LEU A 404 -18.85 3.76 12.96
CA LEU A 404 -18.27 3.12 14.13
C LEU A 404 -19.32 3.03 15.24
N SER A 405 -19.41 1.86 15.88
CA SER A 405 -20.31 1.66 17.03
C SER A 405 -19.77 0.60 17.98
N LYS A 406 -20.29 0.56 19.20
CA LYS A 406 -19.89 -0.48 20.13
C LYS A 406 -20.86 -1.64 19.94
N VAL A 407 -20.33 -2.85 19.91
CA VAL A 407 -21.09 -4.09 19.79
C VAL A 407 -22.14 -4.17 20.94
N GLY A 408 -23.38 -4.52 20.59
CA GLY A 408 -24.46 -4.59 21.58
C GLY A 408 -25.14 -3.28 21.93
N GLN A 409 -24.67 -2.12 21.40
CA GLN A 409 -25.25 -0.79 21.71
C GLN A 409 -25.53 0.03 20.45
N GLY A 410 -26.69 -0.20 19.85
CA GLY A 410 -27.11 0.44 18.60
C GLY A 410 -26.98 1.95 18.56
N ASN A 411 -27.46 2.61 19.63
CA ASN A 411 -27.47 4.06 19.81
C ASN A 411 -26.06 4.72 19.89
N THR A 412 -24.99 3.94 19.76
CA THR A 412 -23.64 4.52 19.87
C THR A 412 -23.01 4.84 18.54
N GLU A 413 -23.71 4.54 17.43
CA GLU A 413 -23.19 4.74 16.09
C GLU A 413 -22.85 6.20 15.77
N ARG A 414 -21.67 6.43 15.15
CA ARG A 414 -21.28 7.74 14.65
C ARG A 414 -20.43 7.54 13.40
N THR A 415 -20.51 8.51 12.48
CA THR A 415 -19.71 8.48 11.27
C THR A 415 -18.30 8.97 11.59
N VAL A 416 -17.30 8.25 11.05
CA VAL A 416 -15.88 8.60 11.19
C VAL A 416 -15.38 8.70 9.74
N TRP A 417 -14.91 9.88 9.35
CA TRP A 417 -14.48 10.17 7.99
C TRP A 417 -12.96 9.99 7.95
N GLN A 418 -12.49 9.00 7.19
CA GLN A 418 -11.04 8.75 7.10
C GLN A 418 -10.50 9.34 5.81
N TYR A 419 -9.64 10.35 5.93
CA TYR A 419 -8.98 11.05 4.82
C TYR A 419 -7.56 10.44 4.69
N HIS A 420 -7.38 9.67 3.63
CA HIS A 420 -6.14 8.93 3.42
C HIS A 420 -5.32 9.57 2.29
N PHE A 421 -4.30 10.37 2.67
CA PHE A 421 -3.43 11.06 1.73
C PHE A 421 -2.44 10.01 1.20
N ARG A 422 -2.45 9.79 -0.12
CA ARG A 422 -1.70 8.68 -0.72
C ARG A 422 -0.51 9.05 -1.61
N THR A 423 -0.25 10.35 -1.82
CA THR A 423 0.79 10.75 -2.75
C THR A 423 2.04 11.34 -2.11
N TRP A 424 2.16 11.35 -0.77
CA TRP A 424 3.35 11.90 -0.13
C TRP A 424 4.56 11.07 -0.60
N PRO A 425 5.67 11.70 -1.03
CA PRO A 425 6.84 10.92 -1.54
C PRO A 425 7.43 9.96 -0.47
N ASP A 426 8.11 8.87 -0.91
CA ASP A 426 8.72 7.90 0.01
C ASP A 426 9.75 8.55 0.98
N HIS A 427 10.51 9.53 0.47
CA HIS A 427 11.54 10.31 1.20
C HIS A 427 11.29 11.79 0.93
N GLY A 428 11.65 12.63 1.89
CA GLY A 428 11.47 14.07 1.72
C GLY A 428 10.02 14.51 1.77
N VAL A 429 9.73 15.62 1.12
CA VAL A 429 8.40 16.26 1.17
C VAL A 429 7.90 16.59 -0.25
N PRO A 430 6.58 16.84 -0.47
CA PRO A 430 6.12 17.23 -1.81
C PRO A 430 6.84 18.49 -2.30
N SER A 431 7.09 18.57 -3.63
CA SER A 431 7.74 19.76 -4.22
C SER A 431 6.83 20.99 -4.18
N ASP A 432 5.49 20.79 -4.10
CA ASP A 432 4.52 21.88 -4.04
C ASP A 432 3.50 21.64 -2.91
N PRO A 433 3.19 22.65 -2.06
CA PRO A 433 2.24 22.42 -0.96
C PRO A 433 0.75 22.39 -1.32
N GLY A 434 0.40 22.72 -2.57
CA GLY A 434 -0.99 22.81 -3.06
C GLY A 434 -1.91 21.67 -2.68
N GLY A 435 -1.48 20.46 -2.98
CA GLY A 435 -2.18 19.21 -2.71
C GLY A 435 -2.50 19.00 -1.24
N VAL A 436 -1.47 19.17 -0.37
CA VAL A 436 -1.60 19.05 1.10
C VAL A 436 -2.60 20.11 1.59
N LEU A 437 -2.51 21.35 1.07
CA LEU A 437 -3.38 22.46 1.48
C LEU A 437 -4.85 22.22 1.15
N ASP A 438 -5.12 21.70 -0.05
CA ASP A 438 -6.46 21.34 -0.56
C ASP A 438 -7.04 20.23 0.33
N PHE A 439 -6.22 19.21 0.63
CA PHE A 439 -6.59 18.11 1.50
C PHE A 439 -6.91 18.63 2.91
N LEU A 440 -6.00 19.45 3.52
CA LEU A 440 -6.16 20.03 4.84
C LEU A 440 -7.46 20.88 4.93
N GLU A 441 -7.76 21.69 3.88
CA GLU A 441 -8.96 22.55 3.83
C GLU A 441 -10.22 21.68 3.94
N GLU A 442 -10.25 20.58 3.19
CA GLU A 442 -11.37 19.63 3.18
C GLU A 442 -11.55 18.96 4.57
N VAL A 443 -10.42 18.51 5.18
CA VAL A 443 -10.43 17.89 6.52
C VAL A 443 -11.02 18.88 7.56
N HIS A 444 -10.52 20.14 7.52
CA HIS A 444 -10.96 21.21 8.40
C HIS A 444 -12.47 21.42 8.27
N HIS A 445 -13.00 21.55 7.03
CA HIS A 445 -14.43 21.77 6.80
C HIS A 445 -15.28 20.58 7.26
N LYS A 446 -14.81 19.33 7.04
CA LYS A 446 -15.55 18.17 7.56
C LYS A 446 -15.64 18.26 9.07
N GLN A 447 -14.49 18.47 9.75
CA GLN A 447 -14.41 18.58 11.21
C GLN A 447 -15.34 19.72 11.72
N GLU A 448 -15.29 20.88 11.07
CA GLU A 448 -16.09 22.02 11.51
C GLU A 448 -17.62 21.82 11.41
N SER A 449 -18.08 20.98 10.46
CA SER A 449 -19.51 20.68 10.22
C SER A 449 -20.09 19.75 11.27
N ILE A 450 -19.23 19.08 12.07
CA ILE A 450 -19.74 18.08 13.02
C ILE A 450 -19.80 18.63 14.43
N MET A 451 -21.03 18.75 14.95
CA MET A 451 -21.33 19.23 16.30
C MET A 451 -20.64 18.38 17.35
N ASP A 452 -19.83 19.02 18.19
CA ASP A 452 -19.08 18.44 19.31
C ASP A 452 -18.19 17.24 18.90
N ALA A 453 -17.64 17.28 17.69
CA ALA A 453 -16.67 16.26 17.25
C ALA A 453 -15.45 16.32 18.21
N GLY A 454 -14.87 15.16 18.50
CA GLY A 454 -13.68 15.05 19.32
C GLY A 454 -12.43 15.41 18.54
N PRO A 455 -11.23 15.18 19.09
CA PRO A 455 -10.01 15.59 18.36
C PRO A 455 -9.84 14.87 17.03
N VAL A 456 -9.14 15.50 16.07
CA VAL A 456 -8.84 14.91 14.75
C VAL A 456 -7.66 13.93 14.95
N VAL A 457 -7.83 12.68 14.52
CA VAL A 457 -6.76 11.69 14.67
C VAL A 457 -5.83 11.81 13.47
N VAL A 458 -4.55 12.00 13.71
CA VAL A 458 -3.56 12.13 12.64
C VAL A 458 -2.49 11.06 12.84
N HIS A 459 -2.16 10.32 11.76
CA HIS A 459 -1.10 9.31 11.87
C HIS A 459 -0.30 9.12 10.59
N CYS A 460 0.93 8.63 10.73
CA CYS A 460 1.73 8.22 9.59
C CYS A 460 2.28 6.84 9.94
N SER A 461 3.59 6.66 10.01
CA SER A 461 4.22 5.39 10.41
C SER A 461 4.57 5.53 11.92
N ALA A 462 5.56 6.37 12.26
CA ALA A 462 5.92 6.58 13.67
C ALA A 462 4.99 7.63 14.33
N GLY A 463 4.35 8.47 13.54
CA GLY A 463 3.44 9.47 14.08
C GLY A 463 4.09 10.72 14.61
N ILE A 464 5.26 11.08 14.05
CA ILE A 464 5.95 12.28 14.51
C ILE A 464 6.39 13.21 13.37
N GLY A 465 6.81 12.66 12.23
CA GLY A 465 7.33 13.50 11.16
C GLY A 465 6.24 14.06 10.26
N ARG A 466 5.70 13.23 9.37
CA ARG A 466 4.60 13.70 8.51
C ARG A 466 3.41 14.13 9.37
N THR A 467 3.09 13.36 10.42
CA THR A 467 1.99 13.68 11.36
C THR A 467 2.20 15.10 11.97
N GLY A 468 3.40 15.36 12.51
CA GLY A 468 3.72 16.64 13.12
C GLY A 468 3.66 17.78 12.11
N THR A 469 4.12 17.51 10.88
CA THR A 469 4.09 18.49 9.78
C THR A 469 2.63 18.88 9.43
N PHE A 470 1.74 17.88 9.21
CA PHE A 470 0.31 18.14 8.90
CA PHE A 470 0.33 18.15 8.90
C PHE A 470 -0.33 18.95 10.04
N ILE A 471 -0.15 18.52 11.29
CA ILE A 471 -0.71 19.19 12.47
C ILE A 471 -0.25 20.65 12.58
N VAL A 472 1.06 20.91 12.47
CA VAL A 472 1.60 22.28 12.57
C VAL A 472 1.02 23.16 11.47
N ILE A 473 1.00 22.68 10.20
CA ILE A 473 0.40 23.45 9.10
C ILE A 473 -1.08 23.78 9.47
N ASP A 474 -1.83 22.77 9.91
CA ASP A 474 -3.24 22.94 10.29
C ASP A 474 -3.44 23.98 11.38
N ILE A 475 -2.57 23.97 12.42
CA ILE A 475 -2.63 24.94 13.54
C ILE A 475 -2.40 26.37 13.01
N LEU A 476 -1.35 26.56 12.22
CA LEU A 476 -0.96 27.87 11.67
C LEU A 476 -2.00 28.43 10.71
N ILE A 477 -2.55 27.58 9.84
CA ILE A 477 -3.58 27.98 8.90
C ILE A 477 -4.86 28.34 9.64
N ASP A 478 -5.16 27.66 10.77
CA ASP A 478 -6.35 28.00 11.56
C ASP A 478 -6.27 29.39 12.21
N ILE A 479 -5.06 29.83 12.63
CA ILE A 479 -4.83 31.18 13.19
C ILE A 479 -5.22 32.19 12.10
N ILE A 480 -4.75 31.96 10.86
CA ILE A 480 -5.02 32.81 9.71
C ILE A 480 -6.53 32.83 9.39
N ARG A 481 -7.23 31.69 9.58
CA ARG A 481 -8.69 31.58 9.33
C ARG A 481 -9.48 32.48 10.24
N GLU A 482 -9.24 32.37 11.55
CA GLU A 482 -9.91 33.11 12.61
C GLU A 482 -9.53 34.59 12.66
N LYS A 483 -8.23 34.92 12.52
CA LYS A 483 -7.74 36.30 12.66
C LYS A 483 -7.48 37.08 11.37
N GLY A 484 -7.28 36.40 10.26
CA GLY A 484 -7.00 37.04 8.98
C GLY A 484 -5.50 37.17 8.75
N VAL A 485 -5.12 37.92 7.71
CA VAL A 485 -3.72 38.12 7.32
C VAL A 485 -2.87 39.01 8.28
N ASP A 486 -3.47 39.90 9.12
CA ASP A 486 -2.68 40.75 10.02
C ASP A 486 -2.25 40.08 11.34
N CYS A 487 -2.60 38.81 11.51
CA CYS A 487 -2.27 38.07 12.71
C CYS A 487 -0.77 37.79 12.77
N ASP A 488 -0.29 37.49 13.96
CA ASP A 488 1.10 37.10 14.19
C ASP A 488 1.17 35.58 14.12
N ILE A 489 2.20 35.08 13.43
CA ILE A 489 2.48 33.64 13.36
C ILE A 489 3.97 33.51 13.72
N ASP A 490 4.32 32.48 14.52
CA ASP A 490 5.68 32.21 14.93
C ASP A 490 5.88 30.68 14.74
N VAL A 491 6.37 30.27 13.57
CA VAL A 491 6.51 28.86 13.20
C VAL A 491 7.29 28.03 14.27
N PRO A 492 8.56 28.37 14.68
CA PRO A 492 9.23 27.54 15.68
C PRO A 492 8.54 27.54 17.03
N LYS A 493 7.84 28.65 17.41
CA LYS A 493 7.12 28.68 18.68
C LYS A 493 5.99 27.64 18.66
N THR A 494 5.26 27.59 17.53
CA THR A 494 4.17 26.61 17.34
C THR A 494 4.75 25.19 17.39
N ILE A 495 5.86 24.95 16.66
CA ILE A 495 6.50 23.62 16.65
C ILE A 495 6.92 23.21 18.07
N GLN A 496 7.58 24.12 18.80
CA GLN A 496 8.06 23.82 20.18
C GLN A 496 6.91 23.45 21.10
N MET A 497 5.79 24.15 20.92
CA MET A 497 4.55 23.91 21.65
C MET A 497 4.00 22.50 21.33
N VAL A 498 3.99 22.10 20.05
CA VAL A 498 3.56 20.75 19.62
C VAL A 498 4.55 19.65 20.13
N ARG A 499 5.87 19.91 20.08
CA ARG A 499 6.94 19.04 20.55
C ARG A 499 6.94 18.80 22.05
N SER A 500 6.27 19.69 22.83
CA SER A 500 6.19 19.50 24.29
CA SER A 500 6.13 19.56 24.30
C SER A 500 5.06 18.50 24.60
N GLN A 501 4.28 18.13 23.58
CA GLN A 501 3.17 17.19 23.72
C GLN A 501 3.39 15.80 23.08
N ARG A 502 4.36 15.68 22.16
CA ARG A 502 4.77 14.38 21.58
C ARG A 502 6.20 14.57 21.05
N SER A 503 7.07 13.58 21.31
CA SER A 503 8.49 13.66 20.90
C SER A 503 8.71 13.89 19.42
N GLY A 504 9.63 14.80 19.09
CA GLY A 504 10.08 15.01 17.70
C GLY A 504 9.06 15.36 16.65
N MET A 505 7.97 16.03 17.03
CA MET A 505 6.97 16.46 16.05
C MET A 505 7.66 17.43 15.13
N VAL A 506 7.67 17.08 13.82
CA VAL A 506 8.42 17.75 12.71
C VAL A 506 9.87 17.26 12.83
N GLN A 507 10.25 16.41 11.91
CA GLN A 507 11.52 15.69 11.94
C GLN A 507 12.67 16.34 11.23
N THR A 508 12.41 17.02 10.11
CA THR A 508 13.52 17.48 9.29
C THR A 508 13.43 18.93 8.86
N GLU A 509 14.57 19.45 8.40
CA GLU A 509 14.66 20.79 7.83
C GLU A 509 13.78 20.86 6.59
N ALA A 510 13.70 19.77 5.78
CA ALA A 510 12.82 19.79 4.59
C ALA A 510 11.34 20.01 4.98
N GLN A 511 10.86 19.33 6.04
CA GLN A 511 9.49 19.53 6.55
C GLN A 511 9.36 20.95 7.12
N TYR A 512 10.38 21.44 7.84
CA TYR A 512 10.36 22.80 8.38
C TYR A 512 10.12 23.83 7.27
N ARG A 513 10.89 23.73 6.17
CA ARG A 513 10.76 24.61 4.99
C ARG A 513 9.39 24.42 4.36
N PHE A 514 8.89 23.15 4.33
CA PHE A 514 7.58 22.83 3.73
C PHE A 514 6.44 23.54 4.47
N ILE A 515 6.54 23.63 5.81
CA ILE A 515 5.55 24.33 6.65
C ILE A 515 5.53 25.83 6.24
N TYR A 516 6.72 26.46 6.11
CA TYR A 516 6.75 27.87 5.68
C TYR A 516 6.13 28.05 4.30
N MET A 517 6.47 27.16 3.34
CA MET A 517 5.95 27.20 1.97
C MET A 517 4.46 27.00 1.92
N ALA A 518 3.93 26.13 2.81
CA ALA A 518 2.49 25.85 2.86
C ALA A 518 1.74 27.07 3.40
N VAL A 519 2.29 27.73 4.45
CA VAL A 519 1.65 28.93 5.02
C VAL A 519 1.71 30.08 3.97
N GLN A 520 2.85 30.23 3.27
CA GLN A 520 3.03 31.23 2.19
C GLN A 520 1.96 31.06 1.08
N HIS A 521 1.81 29.84 0.55
CA HIS A 521 0.86 29.43 -0.50
C HIS A 521 -0.59 29.62 -0.03
N TYR A 522 -0.86 29.35 1.24
CA TYR A 522 -2.20 29.57 1.80
C TYR A 522 -2.57 31.08 1.81
N ILE A 523 -1.62 31.93 2.24
CA ILE A 523 -1.79 33.39 2.31
C ILE A 523 -1.90 34.00 0.90
N GLU A 524 -1.13 33.45 -0.06
CA GLU A 524 -1.09 33.86 -1.46
C GLU A 524 -2.41 33.61 -2.22
N THR A 525 -3.16 32.56 -1.83
CA THR A 525 -4.42 32.19 -2.50
C THR A 525 -5.65 32.77 -1.78
N LEU A 526 -5.43 33.72 -0.86
CA LEU A 526 -6.46 34.44 -0.11
C LEU A 526 -6.87 35.75 -0.86
N ARG B 5 -22.66 -26.59 -24.00
CA ARG B 5 -22.83 -26.11 -22.63
C ARG B 5 -24.23 -25.53 -22.37
N ARG B 6 -25.24 -26.04 -23.11
CA ARG B 6 -26.63 -25.54 -23.01
C ARG B 6 -27.27 -25.85 -21.65
N TRP B 7 -26.70 -26.80 -20.89
CA TRP B 7 -27.19 -27.19 -19.57
C TRP B 7 -26.94 -26.09 -18.49
N PHE B 8 -26.18 -25.02 -18.81
CA PHE B 8 -25.99 -23.92 -17.86
C PHE B 8 -27.02 -22.79 -18.11
N HIS B 9 -27.86 -22.50 -17.09
CA HIS B 9 -28.89 -21.44 -17.16
C HIS B 9 -28.43 -20.25 -16.33
N PRO B 10 -28.01 -19.13 -16.95
CA PRO B 10 -27.44 -18.02 -16.14
C PRO B 10 -28.41 -17.18 -15.31
N ASN B 11 -29.68 -17.12 -15.70
CA ASN B 11 -30.65 -16.22 -15.08
C ASN B 11 -31.85 -16.87 -14.42
N ILE B 12 -31.76 -18.14 -14.07
CA ILE B 12 -32.89 -18.83 -13.48
C ILE B 12 -32.77 -19.01 -11.95
N THR B 13 -33.90 -18.95 -11.22
CA THR B 13 -33.94 -19.18 -9.77
C THR B 13 -34.09 -20.69 -9.52
N GLY B 14 -33.89 -21.12 -8.28
CA GLY B 14 -34.05 -22.52 -7.87
C GLY B 14 -35.46 -23.02 -8.09
N VAL B 15 -36.46 -22.15 -7.80
CA VAL B 15 -37.89 -22.45 -7.99
C VAL B 15 -38.13 -22.69 -9.50
N GLU B 16 -37.66 -21.76 -10.37
CA GLU B 16 -37.77 -21.87 -11.83
C GLU B 16 -37.03 -23.12 -12.38
N ALA B 17 -35.87 -23.48 -11.78
CA ALA B 17 -35.12 -24.67 -12.19
C ALA B 17 -35.97 -25.93 -11.90
N GLU B 18 -36.58 -26.02 -10.68
CA GLU B 18 -37.43 -27.13 -10.25
C GLU B 18 -38.60 -27.34 -11.20
N ASN B 19 -39.34 -26.24 -11.50
CA ASN B 19 -40.50 -26.25 -12.39
CA ASN B 19 -40.50 -26.29 -12.38
C ASN B 19 -40.13 -26.68 -13.81
N LEU B 20 -39.01 -26.16 -14.34
CA LEU B 20 -38.53 -26.49 -15.69
C LEU B 20 -38.15 -27.98 -15.75
N LEU B 21 -37.51 -28.49 -14.68
CA LEU B 21 -37.13 -29.90 -14.60
C LEU B 21 -38.33 -30.84 -14.44
N LEU B 22 -39.37 -30.40 -13.70
CA LEU B 22 -40.57 -31.20 -13.46
C LEU B 22 -41.56 -31.17 -14.63
N THR B 23 -41.53 -30.12 -15.46
CA THR B 23 -42.46 -30.01 -16.59
C THR B 23 -41.83 -30.27 -17.96
N ARG B 24 -40.51 -30.04 -18.09
CA ARG B 24 -39.78 -30.20 -19.35
C ARG B 24 -38.68 -31.27 -19.31
N GLY B 25 -38.42 -31.81 -18.12
CA GLY B 25 -37.41 -32.85 -17.94
C GLY B 25 -37.99 -34.17 -17.49
N VAL B 26 -37.13 -35.16 -17.39
CA VAL B 26 -37.45 -36.51 -16.94
C VAL B 26 -36.46 -36.90 -15.83
N ASP B 27 -36.56 -38.13 -15.28
CA ASP B 27 -35.60 -38.59 -14.29
C ASP B 27 -34.24 -38.69 -14.98
N GLY B 28 -33.23 -38.05 -14.39
CA GLY B 28 -31.91 -37.99 -14.98
C GLY B 28 -31.63 -36.66 -15.66
N SER B 29 -32.64 -35.78 -15.75
CA SER B 29 -32.47 -34.45 -16.31
C SER B 29 -31.75 -33.58 -15.28
N PHE B 30 -30.95 -32.59 -15.76
CA PHE B 30 -30.18 -31.73 -14.88
C PHE B 30 -29.85 -30.44 -15.56
N LEU B 31 -29.50 -29.45 -14.75
CA LEU B 31 -28.99 -28.18 -15.21
C LEU B 31 -28.08 -27.65 -14.10
N ALA B 32 -27.22 -26.68 -14.43
CA ALA B 32 -26.36 -25.99 -13.48
C ALA B 32 -26.71 -24.52 -13.64
N ARG B 33 -26.60 -23.74 -12.56
CA ARG B 33 -26.99 -22.34 -12.57
C ARG B 33 -26.24 -21.61 -11.45
N PRO B 34 -26.20 -20.27 -11.46
CA PRO B 34 -25.55 -19.57 -10.34
C PRO B 34 -26.41 -19.73 -9.09
N SER B 35 -25.80 -19.77 -7.91
CA SER B 35 -26.57 -19.86 -6.68
C SER B 35 -27.13 -18.46 -6.36
N LYS B 36 -28.40 -18.37 -5.97
CA LYS B 36 -29.00 -17.07 -5.60
C LYS B 36 -28.75 -16.79 -4.13
N SER B 37 -28.69 -17.83 -3.28
CA SER B 37 -28.47 -17.68 -1.83
C SER B 37 -27.04 -17.28 -1.51
N ASN B 38 -26.05 -17.90 -2.21
CA ASN B 38 -24.65 -17.56 -2.03
C ASN B 38 -24.01 -17.13 -3.35
N PRO B 39 -24.19 -15.84 -3.75
CA PRO B 39 -23.59 -15.35 -5.01
C PRO B 39 -22.09 -15.64 -5.08
N GLY B 40 -21.68 -16.22 -6.19
CA GLY B 40 -20.31 -16.68 -6.42
C GLY B 40 -20.29 -18.20 -6.45
N ASP B 41 -21.31 -18.82 -5.86
CA ASP B 41 -21.44 -20.26 -5.88
C ASP B 41 -22.39 -20.62 -7.02
N PHE B 42 -22.51 -21.90 -7.28
CA PHE B 42 -23.35 -22.45 -8.35
C PHE B 42 -24.13 -23.58 -7.74
N THR B 43 -25.15 -24.05 -8.45
CA THR B 43 -25.98 -25.14 -7.99
C THR B 43 -26.23 -26.09 -9.15
N LEU B 44 -26.12 -27.39 -8.89
CA LEU B 44 -26.43 -28.44 -9.83
C LEU B 44 -27.83 -28.92 -9.43
N SER B 45 -28.88 -28.67 -10.28
CA SER B 45 -30.27 -29.05 -10.00
C SER B 45 -30.58 -30.30 -10.80
N VAL B 46 -30.87 -31.42 -10.12
CA VAL B 46 -31.03 -32.73 -10.75
C VAL B 46 -32.37 -33.36 -10.44
N ARG B 47 -33.06 -33.88 -11.47
CA ARG B 47 -34.32 -34.57 -11.24
C ARG B 47 -34.05 -36.07 -11.10
N ARG B 48 -34.61 -36.66 -10.03
CA ARG B 48 -34.55 -38.09 -9.74
C ARG B 48 -35.79 -38.51 -8.94
N ASN B 49 -36.37 -39.66 -9.28
CA ASN B 49 -37.58 -40.22 -8.64
C ASN B 49 -38.71 -39.15 -8.52
N GLY B 50 -38.99 -38.47 -9.63
CA GLY B 50 -40.02 -37.44 -9.75
C GLY B 50 -39.86 -36.16 -8.95
N ALA B 51 -38.69 -35.97 -8.32
CA ALA B 51 -38.41 -34.80 -7.48
C ALA B 51 -37.07 -34.15 -7.84
N VAL B 52 -36.88 -32.88 -7.46
CA VAL B 52 -35.66 -32.13 -7.76
C VAL B 52 -34.79 -31.93 -6.51
N THR B 53 -33.48 -32.20 -6.66
CA THR B 53 -32.46 -31.96 -5.63
C THR B 53 -31.49 -30.88 -6.16
N HIS B 54 -31.02 -29.99 -5.26
CA HIS B 54 -30.12 -28.89 -5.57
C HIS B 54 -28.80 -29.12 -4.83
N ILE B 55 -27.72 -29.37 -5.57
CA ILE B 55 -26.38 -29.65 -5.02
C ILE B 55 -25.50 -28.43 -5.17
N LYS B 56 -24.96 -27.94 -4.05
CA LYS B 56 -24.14 -26.74 -4.02
C LYS B 56 -22.76 -27.01 -4.63
N ILE B 57 -22.26 -26.05 -5.39
CA ILE B 57 -20.91 -26.08 -5.97
C ILE B 57 -20.25 -24.82 -5.50
N GLN B 58 -19.18 -24.93 -4.72
CA GLN B 58 -18.53 -23.71 -4.26
C GLN B 58 -17.29 -23.44 -5.07
N ASN B 59 -16.95 -22.17 -5.25
CA ASN B 59 -15.69 -21.78 -5.83
C ASN B 59 -15.21 -20.50 -5.13
N THR B 60 -14.28 -20.66 -4.20
CA THR B 60 -13.70 -19.51 -3.48
C THR B 60 -12.49 -18.95 -4.24
N GLY B 61 -12.13 -19.59 -5.34
CA GLY B 61 -11.01 -19.13 -6.16
C GLY B 61 -10.03 -20.19 -6.62
N ASP B 62 -10.09 -21.40 -6.03
CA ASP B 62 -9.11 -22.43 -6.37
C ASP B 62 -9.61 -23.54 -7.28
N TYR B 63 -10.89 -23.89 -7.16
CA TYR B 63 -11.53 -24.98 -7.91
C TYR B 63 -13.04 -25.00 -7.63
N TYR B 64 -13.76 -25.76 -8.44
CA TYR B 64 -15.20 -25.94 -8.22
C TYR B 64 -15.32 -27.12 -7.30
N ASP B 65 -15.95 -26.91 -6.16
CA ASP B 65 -16.06 -27.94 -5.14
C ASP B 65 -17.52 -28.33 -5.01
N LEU B 66 -17.85 -29.51 -5.53
CA LEU B 66 -19.20 -30.07 -5.57
C LEU B 66 -19.45 -30.82 -4.26
N TYR B 67 -20.44 -30.35 -3.49
CA TYR B 67 -20.82 -30.89 -2.18
C TYR B 67 -21.20 -32.36 -2.33
N GLY B 68 -20.55 -33.22 -1.58
CA GLY B 68 -20.79 -34.66 -1.67
C GLY B 68 -20.13 -35.32 -2.87
N GLY B 69 -19.35 -34.54 -3.65
CA GLY B 69 -18.64 -35.02 -4.84
C GLY B 69 -17.17 -34.64 -4.83
N GLU B 70 -16.60 -34.41 -6.03
CA GLU B 70 -15.18 -34.10 -6.19
C GLU B 70 -14.93 -32.66 -6.58
N LYS B 71 -13.64 -32.29 -6.67
CA LYS B 71 -13.18 -30.94 -7.03
C LYS B 71 -12.79 -30.90 -8.51
N PHE B 72 -13.24 -29.89 -9.23
CA PHE B 72 -13.04 -29.80 -10.69
C PHE B 72 -12.47 -28.48 -11.12
N ALA B 73 -11.88 -28.44 -12.34
CA ALA B 73 -11.28 -27.22 -12.90
C ALA B 73 -12.33 -26.35 -13.55
N THR B 74 -13.40 -26.95 -14.13
CA THR B 74 -14.48 -26.19 -14.80
C THR B 74 -15.80 -26.91 -14.58
N LEU B 75 -16.92 -26.20 -14.74
CA LEU B 75 -18.25 -26.83 -14.67
C LEU B 75 -18.41 -27.86 -15.82
N ALA B 76 -17.86 -27.56 -17.02
CA ALA B 76 -17.89 -28.47 -18.18
C ALA B 76 -17.11 -29.74 -17.89
N GLU B 77 -15.97 -29.64 -17.16
CA GLU B 77 -15.19 -30.85 -16.85
C GLU B 77 -15.93 -31.68 -15.80
N LEU B 78 -16.63 -30.99 -14.87
CA LEU B 78 -17.44 -31.61 -13.83
C LEU B 78 -18.55 -32.44 -14.49
N VAL B 79 -19.32 -31.79 -15.39
CA VAL B 79 -20.47 -32.41 -16.08
C VAL B 79 -19.99 -33.57 -16.95
N GLN B 80 -18.88 -33.40 -17.71
CA GLN B 80 -18.32 -34.47 -18.53
C GLN B 80 -17.93 -35.68 -17.66
N TYR B 81 -17.32 -35.43 -16.50
CA TYR B 81 -16.91 -36.47 -15.59
C TYR B 81 -18.10 -37.28 -15.10
N TYR B 82 -19.15 -36.62 -14.60
CA TYR B 82 -20.28 -37.39 -14.09
C TYR B 82 -21.19 -37.98 -15.18
N MET B 83 -21.30 -37.34 -16.35
CA MET B 83 -22.08 -37.90 -17.45
C MET B 83 -21.42 -39.18 -18.04
N GLU B 84 -20.07 -39.29 -17.91
CA GLU B 84 -19.29 -40.41 -18.46
C GLU B 84 -18.88 -41.46 -17.42
N GLN B 88 -18.89 -41.72 -10.48
CA GLN B 88 -20.25 -41.88 -9.99
C GLN B 88 -20.52 -40.87 -8.86
N LEU B 89 -21.60 -40.06 -9.00
CA LEU B 89 -22.00 -39.01 -8.07
C LEU B 89 -22.97 -39.52 -6.99
N LYS B 90 -22.81 -39.02 -5.74
CA LYS B 90 -23.68 -39.37 -4.61
C LYS B 90 -24.12 -38.13 -3.81
N ASP B 95 -26.59 -42.18 -1.69
CA ASP B 95 -27.55 -42.40 -2.76
C ASP B 95 -27.00 -41.92 -4.09
N VAL B 96 -26.81 -42.86 -5.04
CA VAL B 96 -26.31 -42.59 -6.38
C VAL B 96 -27.29 -41.73 -7.18
N ILE B 97 -26.79 -40.66 -7.77
CA ILE B 97 -27.58 -39.73 -8.57
C ILE B 97 -26.96 -39.62 -9.96
N GLU B 98 -27.79 -39.80 -11.00
CA GLU B 98 -27.31 -39.80 -12.37
C GLU B 98 -27.56 -38.50 -13.14
N LEU B 99 -26.54 -38.05 -13.88
CA LEU B 99 -26.61 -36.89 -14.77
C LEU B 99 -26.76 -37.53 -16.13
N LYS B 100 -28.00 -37.61 -16.62
CA LYS B 100 -28.27 -38.30 -17.88
C LYS B 100 -28.67 -37.35 -19.01
N TYR B 101 -29.58 -36.41 -18.73
CA TYR B 101 -30.10 -35.54 -19.77
C TYR B 101 -29.91 -34.08 -19.50
N PRO B 102 -29.01 -33.40 -20.25
CA PRO B 102 -28.88 -31.93 -20.05
C PRO B 102 -30.21 -31.27 -20.41
N LEU B 103 -30.67 -30.37 -19.54
CA LEU B 103 -31.90 -29.63 -19.82
C LEU B 103 -31.43 -28.30 -20.41
N ASN B 104 -31.60 -28.15 -21.72
CA ASN B 104 -31.09 -27.00 -22.46
C ASN B 104 -31.76 -25.66 -22.18
N CYS B 105 -30.93 -24.63 -22.07
CA CYS B 105 -31.30 -23.24 -21.85
C CYS B 105 -31.52 -22.54 -23.20
N ALA B 106 -32.60 -21.76 -23.30
CA ALA B 106 -32.96 -21.03 -24.53
C ALA B 106 -32.55 -19.55 -24.45
N ASP B 107 -32.14 -19.06 -23.26
CA ASP B 107 -31.75 -17.68 -22.97
C ASP B 107 -30.48 -17.31 -23.79
N PRO B 108 -30.54 -16.23 -24.60
CA PRO B 108 -29.35 -15.89 -25.42
C PRO B 108 -28.36 -14.89 -24.80
N THR B 109 -28.56 -14.47 -23.52
CA THR B 109 -27.74 -13.43 -22.88
C THR B 109 -26.23 -13.78 -22.68
N SER B 110 -25.85 -15.07 -22.69
CA SER B 110 -24.43 -15.44 -22.55
C SER B 110 -23.76 -15.75 -23.90
N GLU B 111 -24.47 -15.42 -25.02
CA GLU B 111 -23.96 -15.61 -26.37
C GLU B 111 -23.15 -14.38 -26.79
N ARG B 112 -21.95 -14.62 -27.36
CA ARG B 112 -21.02 -13.60 -27.86
C ARG B 112 -21.70 -12.65 -28.89
N TRP B 113 -22.62 -13.19 -29.69
CA TRP B 113 -23.33 -12.47 -30.74
C TRP B 113 -24.62 -11.74 -30.30
N PHE B 114 -25.11 -11.95 -29.07
CA PHE B 114 -26.36 -11.31 -28.63
C PHE B 114 -26.12 -9.95 -27.93
N HIS B 115 -26.76 -8.88 -28.47
CA HIS B 115 -26.61 -7.51 -27.97
C HIS B 115 -27.84 -6.90 -27.32
N GLY B 116 -28.99 -7.55 -27.42
CA GLY B 116 -30.25 -7.05 -26.86
C GLY B 116 -30.66 -5.75 -27.51
N HIS B 117 -30.81 -4.69 -26.69
CA HIS B 117 -31.14 -3.34 -27.17
C HIS B 117 -29.96 -2.81 -27.99
N LEU B 118 -30.20 -2.48 -29.26
CA LEU B 118 -29.19 -1.97 -30.20
C LEU B 118 -29.91 -1.53 -31.49
N SER B 119 -29.66 -0.29 -31.93
CA SER B 119 -30.28 0.26 -33.14
C SER B 119 -29.59 -0.32 -34.36
N GLY B 120 -30.27 -0.31 -35.50
CA GLY B 120 -29.71 -0.77 -36.77
C GLY B 120 -28.53 0.09 -37.19
N LYS B 121 -28.62 1.39 -36.84
CA LYS B 121 -27.62 2.42 -37.06
C LYS B 121 -26.41 2.10 -36.13
N GLU B 122 -26.68 1.90 -34.81
CA GLU B 122 -25.67 1.53 -33.81
C GLU B 122 -24.99 0.18 -34.14
N ALA B 123 -25.73 -0.78 -34.74
CA ALA B 123 -25.23 -2.08 -35.15
C ALA B 123 -24.35 -1.93 -36.39
N GLU B 124 -24.77 -1.06 -37.35
CA GLU B 124 -24.02 -0.80 -38.59
C GLU B 124 -22.68 -0.12 -38.31
N LYS B 125 -22.65 0.79 -37.32
CA LYS B 125 -21.45 1.52 -36.91
C LYS B 125 -20.42 0.51 -36.39
N LEU B 126 -20.85 -0.28 -35.37
CA LEU B 126 -20.03 -1.33 -34.72
C LEU B 126 -19.50 -2.30 -35.76
N LEU B 127 -20.37 -2.73 -36.72
CA LEU B 127 -19.97 -3.65 -37.78
C LEU B 127 -19.03 -3.03 -38.80
N THR B 128 -19.06 -1.69 -38.97
CA THR B 128 -18.19 -0.97 -39.90
C THR B 128 -16.80 -0.77 -39.30
N GLU B 129 -16.75 -0.40 -38.00
CA GLU B 129 -15.51 -0.13 -37.26
C GLU B 129 -14.70 -1.37 -36.96
N LYS B 130 -15.33 -2.39 -36.34
CA LYS B 130 -14.70 -3.63 -35.86
C LYS B 130 -14.86 -4.86 -36.75
N GLY B 131 -15.98 -4.91 -37.48
CA GLY B 131 -16.34 -6.05 -38.32
C GLY B 131 -15.45 -6.31 -39.52
N LYS B 132 -15.54 -7.54 -40.01
CA LYS B 132 -14.86 -8.06 -41.19
C LYS B 132 -15.85 -9.00 -41.91
N HIS B 133 -15.45 -9.68 -43.00
CA HIS B 133 -16.39 -10.58 -43.70
C HIS B 133 -16.87 -11.70 -42.76
N GLY B 134 -18.18 -11.80 -42.60
CA GLY B 134 -18.80 -12.82 -41.76
C GLY B 134 -19.09 -12.40 -40.33
N SER B 135 -18.80 -11.13 -39.98
CA SER B 135 -19.08 -10.60 -38.64
C SER B 135 -20.56 -10.36 -38.48
N PHE B 136 -21.13 -10.91 -37.41
CA PHE B 136 -22.55 -10.82 -37.20
C PHE B 136 -22.92 -10.55 -35.78
N LEU B 137 -24.19 -10.15 -35.58
CA LEU B 137 -24.79 -9.94 -34.27
C LEU B 137 -26.29 -10.11 -34.34
N VAL B 138 -26.90 -10.37 -33.19
CA VAL B 138 -28.33 -10.49 -33.05
C VAL B 138 -28.74 -9.46 -32.01
N ARG B 139 -29.75 -8.65 -32.36
CA ARG B 139 -30.27 -7.57 -31.53
C ARG B 139 -31.78 -7.59 -31.54
N GLU B 140 -32.39 -6.90 -30.58
CA GLU B 140 -33.83 -6.72 -30.46
C GLU B 140 -34.26 -5.71 -31.53
N SER B 141 -35.40 -5.98 -32.23
CA SER B 141 -35.98 -5.11 -33.25
C SER B 141 -36.72 -3.95 -32.60
N ASP B 147 -39.61 -9.39 -31.30
CA ASP B 147 -38.92 -9.60 -32.59
C ASP B 147 -37.43 -9.18 -32.54
N PHE B 148 -36.62 -9.81 -33.40
CA PHE B 148 -35.17 -9.59 -33.41
C PHE B 148 -34.66 -9.29 -34.80
N VAL B 149 -33.36 -8.94 -34.91
CA VAL B 149 -32.70 -8.67 -36.17
C VAL B 149 -31.32 -9.34 -36.17
N LEU B 150 -30.95 -9.99 -37.28
CA LEU B 150 -29.62 -10.53 -37.49
C LEU B 150 -28.91 -9.56 -38.44
N SER B 151 -27.82 -8.91 -37.98
CA SER B 151 -27.06 -7.96 -38.80
C SER B 151 -25.70 -8.56 -39.11
N VAL B 152 -25.40 -8.72 -40.41
CA VAL B 152 -24.20 -9.39 -40.91
C VAL B 152 -23.41 -8.48 -41.85
N ARG B 153 -22.08 -8.53 -41.72
CA ARG B 153 -21.12 -7.81 -42.53
C ARG B 153 -20.63 -8.77 -43.62
N THR B 154 -20.68 -8.33 -44.91
CA THR B 154 -20.19 -9.10 -46.06
C THR B 154 -19.43 -8.16 -46.99
N SER B 166 -17.89 -4.04 -49.35
CA SER B 166 -18.51 -4.43 -48.08
C SER B 166 -19.80 -3.67 -47.80
N LYS B 167 -20.74 -4.35 -47.11
CA LYS B 167 -22.08 -3.88 -46.73
C LYS B 167 -22.55 -4.58 -45.46
N VAL B 168 -23.63 -4.05 -44.84
CA VAL B 168 -24.29 -4.63 -43.66
C VAL B 168 -25.73 -5.02 -44.08
N THR B 169 -26.11 -6.30 -43.90
CA THR B 169 -27.44 -6.84 -44.21
C THR B 169 -28.21 -7.13 -42.92
N HIS B 170 -29.45 -6.60 -42.83
CA HIS B 170 -30.33 -6.80 -41.69
C HIS B 170 -31.42 -7.83 -42.07
N VAL B 171 -31.52 -8.92 -41.29
CA VAL B 171 -32.46 -10.00 -41.51
C VAL B 171 -33.42 -10.03 -40.33
N MET B 172 -34.71 -9.77 -40.60
CA MET B 172 -35.73 -9.77 -39.55
C MET B 172 -35.91 -11.18 -38.99
N ILE B 173 -35.99 -11.29 -37.65
CA ILE B 173 -36.20 -12.56 -36.96
C ILE B 173 -37.54 -12.42 -36.28
N ARG B 174 -38.53 -13.15 -36.80
CA ARG B 174 -39.88 -13.15 -36.26
C ARG B 174 -39.93 -14.03 -35.03
N CYS B 175 -40.61 -13.56 -33.98
CA CYS B 175 -40.83 -14.35 -32.77
C CYS B 175 -42.33 -14.61 -32.67
N GLN B 176 -42.74 -15.83 -33.02
CA GLN B 176 -44.14 -16.25 -33.03
C GLN B 176 -44.26 -17.47 -32.13
N GLU B 177 -45.07 -17.37 -31.05
CA GLU B 177 -45.33 -18.44 -30.05
C GLU B 177 -44.04 -19.06 -29.48
N LEU B 178 -43.11 -18.20 -29.03
CA LEU B 178 -41.80 -18.54 -28.47
C LEU B 178 -40.88 -19.29 -29.45
N LYS B 179 -41.22 -19.23 -30.75
CA LYS B 179 -40.44 -19.85 -31.81
C LYS B 179 -39.90 -18.75 -32.74
N TYR B 180 -38.68 -18.94 -33.25
CA TYR B 180 -37.99 -17.95 -34.10
C TYR B 180 -37.82 -18.38 -35.55
N ASP B 181 -38.04 -17.44 -36.49
CA ASP B 181 -37.90 -17.73 -37.93
C ASP B 181 -37.49 -16.47 -38.73
N VAL B 182 -36.90 -16.67 -39.91
CA VAL B 182 -36.47 -15.57 -40.80
C VAL B 182 -37.51 -15.24 -41.92
N GLY B 183 -38.79 -15.49 -41.65
CA GLY B 183 -39.86 -15.18 -42.59
C GLY B 183 -40.46 -16.37 -43.31
N GLY B 184 -39.73 -17.47 -43.34
CA GLY B 184 -40.12 -18.73 -43.96
C GLY B 184 -39.22 -19.87 -43.50
N GLY B 185 -39.63 -21.08 -43.85
CA GLY B 185 -38.90 -22.30 -43.54
C GLY B 185 -39.10 -22.81 -42.12
N GLU B 186 -38.02 -23.24 -41.49
CA GLU B 186 -38.05 -23.82 -40.15
C GLU B 186 -38.26 -22.78 -39.05
N ARG B 187 -38.85 -23.23 -37.93
CA ARG B 187 -39.13 -22.42 -36.77
C ARG B 187 -38.32 -23.00 -35.62
N PHE B 188 -37.46 -22.17 -35.04
CA PHE B 188 -36.55 -22.62 -33.99
C PHE B 188 -37.07 -22.35 -32.55
N ASP B 189 -36.68 -23.23 -31.62
CA ASP B 189 -37.04 -23.12 -30.19
C ASP B 189 -36.36 -21.93 -29.50
N SER B 190 -35.16 -21.55 -29.99
CA SER B 190 -34.37 -20.46 -29.44
C SER B 190 -33.60 -19.73 -30.52
N LEU B 191 -33.06 -18.54 -30.19
CA LEU B 191 -32.20 -17.76 -31.07
C LEU B 191 -30.92 -18.52 -31.35
N THR B 192 -30.44 -19.28 -30.35
CA THR B 192 -29.22 -20.09 -30.50
C THR B 192 -29.37 -21.09 -31.64
N ASP B 193 -30.44 -21.87 -31.61
CA ASP B 193 -30.78 -22.90 -32.61
C ASP B 193 -30.92 -22.24 -34.00
N LEU B 194 -31.57 -21.05 -34.06
CA LEU B 194 -31.72 -20.31 -35.32
C LEU B 194 -30.33 -19.92 -35.88
N VAL B 195 -29.47 -19.31 -35.03
CA VAL B 195 -28.11 -18.90 -35.40
C VAL B 195 -27.27 -20.11 -35.82
N GLU B 196 -27.31 -21.21 -35.03
CA GLU B 196 -26.58 -22.46 -35.33
C GLU B 196 -26.93 -23.03 -36.71
N HIS B 197 -28.22 -22.97 -37.08
CA HIS B 197 -28.71 -23.45 -38.37
C HIS B 197 -28.22 -22.59 -39.51
N TYR B 198 -28.35 -21.24 -39.41
CA TYR B 198 -27.98 -20.33 -40.49
C TYR B 198 -26.46 -20.10 -40.53
N LYS B 199 -25.74 -20.68 -39.57
CA LYS B 199 -24.28 -20.74 -39.52
C LYS B 199 -23.84 -21.90 -40.43
N LYS B 200 -24.50 -23.07 -40.30
CA LYS B 200 -24.23 -24.29 -41.06
C LYS B 200 -24.86 -24.27 -42.48
N ASN B 201 -26.06 -23.67 -42.61
CA ASN B 201 -26.81 -23.57 -43.87
C ASN B 201 -27.06 -22.06 -44.14
N PRO B 202 -26.03 -21.36 -44.64
CA PRO B 202 -26.16 -19.90 -44.82
C PRO B 202 -27.29 -19.44 -45.72
N MET B 203 -27.92 -18.32 -45.36
CA MET B 203 -28.96 -17.67 -46.17
C MET B 203 -28.26 -17.13 -47.43
N VAL B 204 -28.91 -17.29 -48.59
CA VAL B 204 -28.36 -16.78 -49.86
C VAL B 204 -29.34 -15.76 -50.43
N GLU B 205 -28.84 -14.55 -50.72
CA GLU B 205 -29.64 -13.46 -51.29
C GLU B 205 -30.02 -13.81 -52.73
N THR B 206 -31.05 -13.13 -53.28
CA THR B 206 -31.56 -13.35 -54.65
C THR B 206 -30.46 -13.23 -55.70
N LEU B 207 -29.52 -12.28 -55.50
CA LEU B 207 -28.43 -12.03 -56.44
C LEU B 207 -27.11 -12.80 -56.12
N GLY B 208 -27.21 -13.80 -55.23
CA GLY B 208 -26.08 -14.70 -54.92
C GLY B 208 -25.19 -14.40 -53.73
N THR B 209 -25.45 -13.32 -52.97
CA THR B 209 -24.64 -12.99 -51.79
C THR B 209 -24.95 -14.02 -50.69
N VAL B 210 -23.89 -14.74 -50.26
CA VAL B 210 -24.01 -15.76 -49.21
C VAL B 210 -23.82 -15.03 -47.86
N LEU B 211 -24.85 -15.10 -47.01
CA LEU B 211 -24.81 -14.40 -45.73
C LEU B 211 -24.14 -15.27 -44.67
N GLN B 212 -22.81 -15.46 -44.84
CA GLN B 212 -21.91 -16.23 -43.99
C GLN B 212 -21.87 -15.66 -42.57
N LEU B 213 -22.19 -16.50 -41.56
CA LEU B 213 -22.12 -16.13 -40.16
C LEU B 213 -20.80 -16.77 -39.67
N LYS B 214 -19.69 -16.12 -40.00
CA LYS B 214 -18.34 -16.59 -39.72
C LYS B 214 -17.94 -16.46 -38.24
N GLN B 215 -18.07 -15.25 -37.67
CA GLN B 215 -17.70 -14.99 -36.29
C GLN B 215 -18.55 -13.88 -35.65
N PRO B 216 -18.88 -13.94 -34.35
CA PRO B 216 -19.62 -12.81 -33.74
C PRO B 216 -18.76 -11.54 -33.77
N LEU B 217 -19.42 -10.38 -33.79
CA LEU B 217 -18.71 -9.11 -33.81
C LEU B 217 -17.95 -8.97 -32.47
N ASN B 218 -16.67 -8.59 -32.54
CA ASN B 218 -15.83 -8.44 -31.35
C ASN B 218 -16.20 -7.16 -30.61
N THR B 219 -16.58 -7.30 -29.33
CA THR B 219 -16.94 -6.13 -28.50
C THR B 219 -16.02 -5.97 -27.28
N THR B 220 -15.11 -6.95 -27.04
CA THR B 220 -14.26 -6.94 -25.83
C THR B 220 -12.87 -6.32 -26.04
N ARG B 221 -12.34 -6.34 -27.30
CA ARG B 221 -11.04 -5.75 -27.61
C ARG B 221 -11.14 -4.24 -27.43
N ILE B 222 -10.26 -3.69 -26.61
CA ILE B 222 -10.28 -2.24 -26.37
C ILE B 222 -8.90 -1.68 -26.49
N ASN B 223 -8.80 -0.36 -26.76
CA ASN B 223 -7.50 0.27 -26.74
C ASN B 223 -7.14 0.43 -25.26
N ALA B 224 -5.86 0.20 -24.87
CA ALA B 224 -5.44 0.30 -23.46
C ALA B 224 -5.82 1.61 -22.76
N ALA B 225 -5.75 2.77 -23.49
CA ALA B 225 -6.13 4.09 -22.91
C ALA B 225 -7.62 4.20 -22.52
N GLU B 226 -8.50 3.37 -23.12
CA GLU B 226 -9.92 3.42 -22.79
C GLU B 226 -10.35 2.36 -21.75
N ILE B 227 -9.36 1.75 -21.00
CA ILE B 227 -9.62 0.75 -19.95
C ILE B 227 -10.54 1.32 -18.87
N GLU B 228 -10.25 2.57 -18.41
CA GLU B 228 -11.02 3.27 -17.38
C GLU B 228 -12.49 3.39 -17.80
N SER B 229 -12.71 3.74 -19.09
CA SER B 229 -14.04 3.86 -19.66
C SER B 229 -14.76 2.47 -19.68
N ARG B 230 -14.06 1.41 -20.12
CA ARG B 230 -14.61 0.03 -20.13
C ARG B 230 -14.95 -0.48 -18.72
N VAL B 231 -14.05 -0.23 -17.76
CA VAL B 231 -14.23 -0.62 -16.36
C VAL B 231 -15.50 0.03 -15.81
N ARG B 232 -15.71 1.32 -16.14
CA ARG B 232 -16.91 2.07 -15.75
C ARG B 232 -18.15 1.44 -16.37
N GLU B 233 -18.11 1.10 -17.69
CA GLU B 233 -19.22 0.44 -18.42
C GLU B 233 -19.55 -0.89 -17.71
N LEU B 234 -18.52 -1.76 -17.52
CA LEU B 234 -18.62 -3.07 -16.86
C LEU B 234 -19.06 -3.00 -15.38
N SER B 235 -18.76 -1.88 -14.69
CA SER B 235 -19.10 -1.71 -13.27
C SER B 235 -20.57 -1.43 -12.97
N LYS B 236 -21.33 -1.04 -14.00
CA LYS B 236 -22.76 -0.73 -13.90
C LYS B 236 -23.60 -1.98 -13.68
N GLN B 246 -24.45 -7.17 -13.28
CA GLN B 246 -23.30 -6.35 -13.65
C GLN B 246 -22.64 -6.78 -14.99
N GLY B 247 -22.06 -5.81 -15.68
CA GLY B 247 -21.33 -6.00 -16.93
C GLY B 247 -20.20 -7.00 -16.83
N PHE B 248 -19.40 -6.95 -15.71
CA PHE B 248 -18.29 -7.90 -15.46
C PHE B 248 -18.84 -9.32 -15.41
N TRP B 249 -19.92 -9.52 -14.61
CA TRP B 249 -20.59 -10.83 -14.43
C TRP B 249 -21.01 -11.43 -15.78
N GLU B 250 -21.74 -10.63 -16.60
CA GLU B 250 -22.24 -11.01 -17.92
C GLU B 250 -21.10 -11.38 -18.86
N GLU B 251 -20.03 -10.56 -18.89
CA GLU B 251 -18.88 -10.81 -19.77
C GLU B 251 -18.15 -12.08 -19.37
N PHE B 252 -17.99 -12.28 -18.05
CA PHE B 252 -17.33 -13.48 -17.51
C PHE B 252 -18.12 -14.74 -17.85
N GLU B 253 -19.45 -14.70 -17.71
CA GLU B 253 -20.30 -15.86 -18.00
C GLU B 253 -20.37 -16.18 -19.49
N THR B 254 -20.16 -15.19 -20.36
CA THR B 254 -20.05 -15.41 -21.82
C THR B 254 -18.73 -16.16 -22.09
N LEU B 255 -17.67 -15.80 -21.36
CA LEU B 255 -16.39 -16.49 -21.52
C LEU B 255 -16.52 -17.97 -21.03
N GLN B 256 -17.20 -18.16 -19.87
CA GLN B 256 -17.44 -19.48 -19.26
C GLN B 256 -18.23 -20.38 -20.22
N GLN B 257 -19.15 -19.79 -20.99
CA GLN B 257 -19.99 -20.53 -21.98
C GLN B 257 -19.12 -21.20 -23.06
N GLN B 258 -17.94 -20.62 -23.36
CA GLN B 258 -17.01 -21.14 -24.37
C GLN B 258 -16.07 -22.23 -23.81
N GLU B 259 -16.19 -22.56 -22.53
CA GLU B 259 -15.26 -23.56 -21.94
C GLU B 259 -15.49 -24.99 -22.49
N CYS B 260 -16.69 -25.28 -23.06
CA CYS B 260 -17.00 -26.60 -23.63
CA CYS B 260 -16.95 -26.61 -23.61
C CYS B 260 -16.11 -26.88 -24.86
N LYS B 261 -15.51 -25.84 -25.42
CA LYS B 261 -14.59 -25.96 -26.57
C LYS B 261 -13.18 -26.38 -26.11
N LEU B 262 -12.94 -26.44 -24.78
CA LEU B 262 -11.61 -26.75 -24.23
C LEU B 262 -11.52 -28.10 -23.51
N LEU B 263 -12.37 -29.07 -23.90
CA LEU B 263 -12.35 -30.38 -23.26
C LEU B 263 -11.29 -31.30 -23.89
N TYR B 264 -10.03 -30.85 -23.81
CA TYR B 264 -8.91 -31.61 -24.39
C TYR B 264 -8.55 -32.79 -23.50
N SER B 265 -7.92 -33.81 -24.08
CA SER B 265 -7.56 -35.01 -23.35
C SER B 265 -6.57 -34.75 -22.23
N ARG B 266 -6.78 -35.45 -21.10
CA ARG B 266 -5.93 -35.46 -19.91
C ARG B 266 -5.74 -36.92 -19.50
N LYS B 267 -5.40 -37.78 -20.50
CA LYS B 267 -5.19 -39.23 -20.28
C LYS B 267 -3.98 -39.54 -19.42
N GLU B 268 -2.85 -38.85 -19.65
CA GLU B 268 -1.64 -39.14 -18.88
C GLU B 268 -1.84 -38.94 -17.39
N GLY B 269 -2.59 -37.91 -16.99
CA GLY B 269 -2.87 -37.64 -15.58
C GLY B 269 -3.74 -38.68 -14.88
N GLN B 270 -4.49 -39.46 -15.66
CA GLN B 270 -5.40 -40.49 -15.18
C GLN B 270 -4.79 -41.85 -15.01
N ARG B 271 -3.58 -42.06 -15.53
CA ARG B 271 -2.88 -43.35 -15.39
C ARG B 271 -2.69 -43.67 -13.91
N GLN B 272 -2.90 -44.96 -13.57
CA GLN B 272 -2.75 -45.46 -12.20
C GLN B 272 -1.49 -44.94 -11.52
N GLU B 273 -0.35 -45.04 -12.21
CA GLU B 273 0.96 -44.66 -11.70
C GLU B 273 1.06 -43.15 -11.41
N ASN B 274 0.18 -42.35 -12.03
CA ASN B 274 0.19 -40.89 -11.87
C ASN B 274 -0.89 -40.34 -10.93
N LYS B 275 -1.90 -41.18 -10.58
CA LYS B 275 -3.00 -40.73 -9.72
C LYS B 275 -2.55 -39.96 -8.47
N ASN B 276 -1.60 -40.53 -7.72
CA ASN B 276 -1.07 -39.97 -6.46
C ASN B 276 -0.13 -38.77 -6.66
N LYS B 277 0.18 -38.42 -7.92
CA LYS B 277 1.04 -37.28 -8.23
C LYS B 277 0.19 -36.01 -8.42
N ASN B 278 -1.14 -36.15 -8.29
CA ASN B 278 -2.10 -35.06 -8.45
C ASN B 278 -2.63 -34.63 -7.11
N ARG B 279 -2.61 -33.32 -6.81
CA ARG B 279 -3.16 -32.79 -5.53
C ARG B 279 -4.65 -33.09 -5.49
N TYR B 280 -5.32 -32.92 -6.65
CA TYR B 280 -6.75 -33.13 -6.84
C TYR B 280 -6.90 -34.06 -8.03
N LYS B 281 -7.49 -35.26 -7.75
CA LYS B 281 -7.70 -36.36 -8.67
C LYS B 281 -8.22 -35.97 -10.07
N ASN B 282 -9.17 -35.03 -10.14
CA ASN B 282 -9.78 -34.61 -11.40
C ASN B 282 -9.24 -33.29 -11.97
N ILE B 283 -8.29 -32.64 -11.30
CA ILE B 283 -7.67 -31.39 -11.85
C ILE B 283 -6.34 -31.81 -12.47
N LEU B 284 -6.37 -32.01 -13.79
CA LEU B 284 -5.29 -32.59 -14.55
C LEU B 284 -4.73 -31.73 -15.67
N PRO B 285 -3.46 -31.95 -16.03
CA PRO B 285 -2.87 -31.17 -17.14
C PRO B 285 -3.28 -31.78 -18.50
N PHE B 286 -3.52 -30.92 -19.51
CA PHE B 286 -3.83 -31.41 -20.86
C PHE B 286 -2.62 -32.16 -21.37
N ASP B 287 -2.85 -33.29 -22.00
CA ASP B 287 -1.75 -34.08 -22.59
C ASP B 287 -0.93 -33.28 -23.58
N HIS B 288 -1.58 -32.46 -24.44
CA HIS B 288 -0.88 -31.76 -25.52
C HIS B 288 0.02 -30.58 -25.05
N THR B 289 -0.15 -30.07 -23.81
CA THR B 289 0.73 -28.99 -23.30
C THR B 289 1.49 -29.36 -21.99
N ARG B 290 1.28 -30.58 -21.46
CA ARG B 290 1.94 -31.01 -20.21
C ARG B 290 3.45 -30.97 -20.32
N VAL B 291 4.08 -30.73 -19.19
CA VAL B 291 5.53 -30.78 -19.12
C VAL B 291 5.87 -32.29 -19.03
N VAL B 292 6.57 -32.77 -20.03
CA VAL B 292 7.00 -34.17 -20.05
C VAL B 292 8.42 -34.21 -19.51
N LEU B 293 8.64 -35.03 -18.47
CA LEU B 293 9.94 -35.14 -17.84
C LEU B 293 10.78 -36.25 -18.48
N HIS B 294 11.94 -35.88 -19.02
CA HIS B 294 12.85 -36.77 -19.73
C HIS B 294 14.00 -37.17 -18.79
N VAL B 302 6.90 -45.30 -14.94
CA VAL B 302 6.36 -44.00 -15.32
C VAL B 302 7.10 -42.91 -14.57
N SER B 303 8.04 -42.25 -15.25
CA SER B 303 8.87 -41.23 -14.63
C SER B 303 8.76 -39.90 -15.40
N ASP B 304 7.80 -39.78 -16.35
CA ASP B 304 7.72 -38.60 -17.20
C ASP B 304 6.65 -37.59 -16.81
N TYR B 305 5.97 -37.81 -15.69
CA TYR B 305 4.80 -37.03 -15.32
C TYR B 305 4.95 -36.05 -14.16
N ILE B 306 4.38 -34.86 -14.39
CA ILE B 306 4.20 -33.83 -13.36
C ILE B 306 2.90 -33.09 -13.72
N ASN B 307 2.11 -32.69 -12.72
CA ASN B 307 0.88 -31.97 -12.96
C ASN B 307 1.28 -30.51 -13.21
N ALA B 308 1.63 -30.24 -14.46
CA ALA B 308 2.13 -28.93 -14.92
C ALA B 308 1.91 -28.81 -16.40
N ASN B 309 1.74 -27.56 -16.89
CA ASN B 309 1.60 -27.30 -18.31
C ASN B 309 2.37 -26.06 -18.69
N ILE B 310 2.92 -26.09 -19.90
CA ILE B 310 3.61 -24.95 -20.50
C ILE B 310 2.50 -24.01 -20.93
N ILE B 311 2.64 -22.73 -20.58
CA ILE B 311 1.73 -21.68 -20.98
C ILE B 311 2.55 -20.74 -21.88
N MET B 312 2.21 -20.71 -23.16
CA MET B 312 2.84 -19.86 -24.15
C MET B 312 1.88 -18.73 -24.53
N PRO B 313 2.28 -17.45 -24.42
CA PRO B 313 1.35 -16.39 -24.85
C PRO B 313 1.30 -16.35 -26.38
N LYS B 326 8.38 -14.32 -23.36
CA LYS B 326 8.38 -14.96 -22.02
C LYS B 326 7.28 -16.06 -21.93
N SER B 327 7.62 -17.24 -21.47
CA SER B 327 6.60 -18.30 -21.30
C SER B 327 6.51 -18.71 -19.83
N TYR B 328 5.51 -19.53 -19.50
CA TYR B 328 5.25 -19.93 -18.11
C TYR B 328 5.05 -21.40 -18.03
N ILE B 329 5.20 -21.92 -16.81
CA ILE B 329 4.81 -23.26 -16.44
C ILE B 329 3.81 -23.02 -15.33
N ALA B 330 2.55 -23.42 -15.56
CA ALA B 330 1.51 -23.34 -14.54
C ALA B 330 1.44 -24.73 -13.88
N THR B 331 1.58 -24.75 -12.55
CA THR B 331 1.66 -26.03 -11.83
C THR B 331 1.00 -25.96 -10.45
N GLN B 332 0.78 -27.13 -9.86
CA GLN B 332 0.16 -27.22 -8.54
C GLN B 332 1.22 -27.06 -7.45
N GLY B 333 0.78 -26.89 -6.21
CA GLY B 333 1.70 -26.88 -5.07
C GLY B 333 2.20 -28.31 -4.88
N CYS B 334 3.53 -28.47 -4.63
CA CYS B 334 4.20 -29.76 -4.43
C CYS B 334 3.55 -30.59 -3.37
N LEU B 335 3.53 -31.90 -3.60
CA LEU B 335 3.13 -32.91 -2.61
C LEU B 335 4.46 -33.52 -2.15
N GLN B 336 4.52 -34.21 -0.99
CA GLN B 336 5.78 -34.83 -0.54
C GLN B 336 6.41 -35.71 -1.60
N ASN B 337 5.60 -36.47 -2.34
CA ASN B 337 6.04 -37.41 -3.37
C ASN B 337 6.25 -36.79 -4.75
N THR B 338 6.11 -35.45 -4.89
CA THR B 338 6.35 -34.80 -6.21
C THR B 338 7.46 -33.72 -6.14
N VAL B 339 8.05 -33.51 -4.95
CA VAL B 339 9.12 -32.51 -4.79
C VAL B 339 10.29 -32.81 -5.77
N ASN B 340 10.73 -34.08 -5.81
CA ASN B 340 11.85 -34.44 -6.71
C ASN B 340 11.52 -34.15 -8.18
N ASP B 341 10.29 -34.47 -8.59
CA ASP B 341 9.82 -34.24 -9.96
C ASP B 341 9.76 -32.75 -10.24
N PHE B 342 9.35 -31.96 -9.23
CA PHE B 342 9.30 -30.50 -9.39
C PHE B 342 10.73 -29.99 -9.74
N TRP B 343 11.75 -30.39 -8.96
CA TRP B 343 13.12 -29.96 -9.25
C TRP B 343 13.66 -30.51 -10.62
N ARG B 344 13.24 -31.72 -11.05
CA ARG B 344 13.61 -32.24 -12.38
C ARG B 344 13.03 -31.32 -13.45
N MET B 345 11.78 -30.84 -13.26
CA MET B 345 11.12 -29.93 -14.18
C MET B 345 11.85 -28.58 -14.27
N VAL B 346 12.15 -27.95 -13.11
CA VAL B 346 12.82 -26.65 -13.06
C VAL B 346 14.19 -26.78 -13.82
N PHE B 347 14.93 -27.86 -13.55
CA PHE B 347 16.24 -28.11 -14.17
C PHE B 347 16.13 -28.29 -15.68
N GLN B 348 15.28 -29.23 -16.11
CA GLN B 348 15.11 -29.57 -17.53
C GLN B 348 14.63 -28.37 -18.34
N GLU B 349 13.70 -27.60 -17.78
CA GLU B 349 13.12 -26.48 -18.53
C GLU B 349 13.98 -25.21 -18.47
N ASN B 350 15.08 -25.26 -17.71
CA ASN B 350 16.02 -24.15 -17.55
C ASN B 350 15.30 -22.94 -16.88
N SER B 351 14.21 -23.23 -16.10
CA SER B 351 13.50 -22.12 -15.42
C SER B 351 14.46 -21.48 -14.39
N ARG B 352 14.48 -20.12 -14.30
CA ARG B 352 15.34 -19.39 -13.36
C ARG B 352 14.52 -18.59 -12.36
N VAL B 353 13.20 -18.59 -12.55
CA VAL B 353 12.27 -17.85 -11.71
C VAL B 353 11.06 -18.72 -11.36
N ILE B 354 10.72 -18.75 -10.07
CA ILE B 354 9.55 -19.43 -9.56
C ILE B 354 8.72 -18.39 -8.83
N VAL B 355 7.42 -18.41 -9.10
CA VAL B 355 6.39 -17.57 -8.48
C VAL B 355 5.43 -18.47 -7.66
N MET B 356 5.48 -18.36 -6.31
CA MET B 356 4.60 -19.10 -5.43
C MET B 356 3.55 -18.13 -4.92
N THR B 357 2.26 -18.43 -5.14
CA THR B 357 1.19 -17.50 -4.80
C THR B 357 0.31 -17.96 -3.65
N THR B 358 0.82 -18.84 -2.81
CA THR B 358 0.11 -19.36 -1.67
C THR B 358 1.04 -19.44 -0.45
N LYS B 359 0.47 -19.47 0.75
CA LYS B 359 1.27 -19.75 1.94
C LYS B 359 1.38 -21.28 1.92
N GLU B 360 2.27 -21.87 2.73
CA GLU B 360 2.36 -23.33 2.76
C GLU B 360 1.08 -23.89 3.36
N VAL B 361 0.51 -23.12 4.31
CA VAL B 361 -0.71 -23.46 5.05
C VAL B 361 -1.66 -22.28 5.02
N GLU B 362 -2.91 -22.52 4.62
CA GLU B 362 -3.93 -21.47 4.65
C GLU B 362 -5.18 -22.04 5.30
N ARG B 363 -5.78 -21.28 6.25
CA ARG B 363 -6.96 -21.70 7.00
C ARG B 363 -6.74 -23.12 7.58
N GLY B 364 -5.51 -23.37 8.06
CA GLY B 364 -5.08 -24.64 8.65
C GLY B 364 -4.93 -25.84 7.73
N LYS B 365 -4.95 -25.62 6.40
CA LYS B 365 -4.80 -26.70 5.42
C LYS B 365 -3.53 -26.52 4.58
N SER B 366 -2.84 -27.64 4.33
CA SER B 366 -1.60 -27.67 3.56
C SER B 366 -1.87 -27.45 2.06
N LYS B 367 -1.29 -26.39 1.51
CA LYS B 367 -1.49 -26.00 0.10
C LYS B 367 -0.29 -26.33 -0.80
N CYS B 368 0.90 -26.46 -0.18
CA CYS B 368 2.15 -26.73 -0.85
C CYS B 368 3.11 -27.22 0.19
N VAL B 369 3.76 -28.32 -0.07
CA VAL B 369 4.77 -28.85 0.81
C VAL B 369 6.04 -27.95 0.62
N LYS B 370 6.84 -27.75 1.67
CA LYS B 370 8.06 -26.94 1.58
C LYS B 370 9.08 -27.68 0.69
N TYR B 371 9.36 -27.16 -0.52
CA TYR B 371 10.24 -27.80 -1.50
C TYR B 371 11.62 -27.13 -1.60
N TRP B 372 11.90 -26.16 -0.70
CA TRP B 372 13.16 -25.44 -0.69
C TRP B 372 13.85 -25.63 0.66
N PRO B 373 15.19 -25.59 0.72
CA PRO B 373 15.85 -25.71 2.03
C PRO B 373 15.69 -24.43 2.88
N ASP B 374 15.92 -24.54 4.20
CA ASP B 374 15.95 -23.37 5.10
C ASP B 374 17.08 -22.45 4.63
N GLU B 375 17.06 -21.17 4.99
CA GLU B 375 18.11 -20.23 4.60
C GLU B 375 19.50 -20.79 4.99
N TYR B 376 20.48 -20.72 4.07
CA TYR B 376 21.88 -21.19 4.20
C TYR B 376 22.04 -22.71 4.12
N ALA B 377 20.93 -23.46 4.09
CA ALA B 377 20.99 -24.91 4.09
C ALA B 377 21.08 -25.46 2.66
N LEU B 378 21.54 -26.71 2.55
CA LEU B 378 21.66 -27.42 1.28
C LEU B 378 20.89 -28.74 1.45
N LYS B 379 20.12 -29.13 0.43
CA LYS B 379 19.36 -30.39 0.43
C LYS B 379 19.46 -31.05 -0.93
N GLU B 380 19.37 -32.38 -0.94
CA GLU B 380 19.30 -33.17 -2.16
C GLU B 380 17.88 -33.64 -2.32
N TYR B 381 17.29 -33.37 -3.48
CA TYR B 381 15.91 -33.78 -3.81
C TYR B 381 16.11 -34.74 -4.96
N GLY B 382 16.31 -36.02 -4.61
CA GLY B 382 16.67 -37.05 -5.60
C GLY B 382 18.03 -36.72 -6.19
N VAL B 383 18.11 -36.63 -7.54
CA VAL B 383 19.35 -36.31 -8.25
C VAL B 383 19.68 -34.79 -8.31
N MET B 384 18.79 -33.94 -7.76
CA MET B 384 18.96 -32.47 -7.79
C MET B 384 19.39 -31.98 -6.43
N ARG B 385 20.31 -31.05 -6.41
CA ARG B 385 20.87 -30.43 -5.21
C ARG B 385 20.41 -28.98 -5.20
N VAL B 386 19.91 -28.49 -4.06
CA VAL B 386 19.45 -27.10 -3.93
C VAL B 386 20.08 -26.48 -2.72
N ARG B 387 20.70 -25.31 -2.93
CA ARG B 387 21.24 -24.49 -1.84
C ARG B 387 20.36 -23.25 -1.72
N ASN B 388 19.95 -22.89 -0.51
CA ASN B 388 19.24 -21.64 -0.26
C ASN B 388 20.34 -20.63 0.14
N VAL B 389 20.79 -19.82 -0.81
CA VAL B 389 21.84 -18.82 -0.65
C VAL B 389 21.49 -17.71 0.32
N LYS B 390 20.32 -17.07 0.11
CA LYS B 390 19.89 -15.93 0.91
C LYS B 390 18.39 -15.72 0.72
N GLU B 391 17.75 -15.24 1.78
CA GLU B 391 16.34 -14.88 1.81
C GLU B 391 16.24 -13.39 2.10
N SER B 392 15.37 -12.70 1.36
CA SER B 392 15.16 -11.25 1.52
C SER B 392 13.65 -11.05 1.64
N ALA B 393 13.21 -10.46 2.72
CA ALA B 393 11.80 -10.27 3.02
C ALA B 393 11.31 -8.87 2.71
N ALA B 394 10.08 -8.77 2.14
CA ALA B 394 9.36 -7.53 1.91
C ALA B 394 8.00 -7.80 2.54
N HIS B 395 7.11 -6.80 2.62
CA HIS B 395 5.78 -7.02 3.20
C HIS B 395 4.98 -8.06 2.40
N ASP B 396 4.87 -7.87 1.09
CA ASP B 396 4.05 -8.76 0.24
C ASP B 396 4.70 -10.10 -0.10
N TYR B 397 6.02 -10.20 -0.05
CA TYR B 397 6.68 -11.44 -0.46
C TYR B 397 8.05 -11.63 0.14
N THR B 398 8.57 -12.87 0.02
CA THR B 398 9.90 -13.27 0.40
C THR B 398 10.59 -13.71 -0.87
N LEU B 399 11.81 -13.24 -1.06
CA LEU B 399 12.59 -13.69 -2.20
C LEU B 399 13.62 -14.70 -1.66
N ARG B 400 13.74 -15.86 -2.29
CA ARG B 400 14.74 -16.87 -1.93
C ARG B 400 15.68 -17.10 -3.10
N GLU B 401 16.97 -16.80 -2.88
CA GLU B 401 17.98 -16.99 -3.91
C GLU B 401 18.44 -18.44 -3.75
N LEU B 402 18.12 -19.29 -4.74
CA LEU B 402 18.43 -20.72 -4.69
C LEU B 402 19.45 -21.09 -5.75
N LYS B 403 20.28 -22.10 -5.49
CA LYS B 403 21.26 -22.58 -6.46
C LYS B 403 20.91 -24.03 -6.74
N LEU B 404 20.59 -24.32 -7.97
CA LEU B 404 20.19 -25.66 -8.33
C LEU B 404 21.25 -26.33 -9.19
N SER B 405 21.62 -27.57 -8.86
CA SER B 405 22.57 -28.32 -9.69
C SER B 405 22.21 -29.81 -9.63
N LYS B 406 22.76 -30.57 -10.55
CA LYS B 406 22.60 -32.00 -10.58
C LYS B 406 23.77 -32.60 -9.75
N VAL B 407 23.42 -33.47 -8.80
CA VAL B 407 24.38 -34.16 -7.93
C VAL B 407 25.40 -34.90 -8.83
N GLY B 408 26.68 -34.75 -8.54
CA GLY B 408 27.75 -35.37 -9.32
C GLY B 408 28.26 -34.56 -10.50
N GLN B 409 27.58 -33.43 -10.82
CA GLN B 409 27.91 -32.57 -11.96
C GLN B 409 27.99 -31.08 -11.57
N GLY B 410 29.20 -30.62 -11.26
CA GLY B 410 29.46 -29.25 -10.83
C GLY B 410 29.03 -28.16 -11.80
N ASN B 411 29.39 -28.32 -13.10
CA ASN B 411 29.09 -27.35 -14.17
C ASN B 411 27.58 -27.25 -14.56
N THR B 412 26.67 -27.79 -13.73
CA THR B 412 25.23 -27.73 -14.03
C THR B 412 24.54 -26.67 -13.18
N GLU B 413 25.29 -26.04 -12.25
CA GLU B 413 24.68 -25.07 -11.34
C GLU B 413 24.12 -23.81 -12.04
N ARG B 414 22.92 -23.37 -11.60
CA ARG B 414 22.28 -22.13 -12.03
C ARG B 414 21.45 -21.58 -10.88
N THR B 415 21.34 -20.25 -10.82
CA THR B 415 20.54 -19.63 -9.79
C THR B 415 19.07 -19.66 -10.19
N VAL B 416 18.20 -20.01 -9.23
CA VAL B 416 16.75 -20.02 -9.41
C VAL B 416 16.21 -19.04 -8.33
N TRP B 417 15.46 -18.02 -8.74
CA TRP B 417 14.94 -17.00 -7.87
C TRP B 417 13.50 -17.33 -7.53
N GLN B 418 13.23 -17.62 -6.26
CA GLN B 418 11.89 -17.96 -5.82
C GLN B 418 11.22 -16.76 -5.15
N TYR B 419 10.14 -16.27 -5.78
CA TYR B 419 9.34 -15.14 -5.30
C TYR B 419 8.09 -15.70 -4.65
N HIS B 420 8.05 -15.63 -3.34
CA HIS B 420 6.97 -16.23 -2.56
C HIS B 420 6.03 -15.14 -2.10
N PHE B 421 4.91 -14.96 -2.82
CA PHE B 421 3.87 -13.98 -2.51
C PHE B 421 3.12 -14.48 -1.26
N ARG B 422 2.98 -13.63 -0.25
CA ARG B 422 2.40 -14.10 1.01
C ARG B 422 1.14 -13.38 1.47
N THR B 423 0.75 -12.28 0.81
CA THR B 423 -0.40 -11.50 1.25
C THR B 423 -1.69 -11.74 0.48
N TRP B 424 -1.75 -12.75 -0.40
CA TRP B 424 -3.01 -13.00 -1.10
C TRP B 424 -4.05 -13.42 -0.02
N PRO B 425 -5.28 -12.86 0.02
CA PRO B 425 -6.23 -13.25 1.11
C PRO B 425 -6.72 -14.69 1.00
N ASP B 426 -7.14 -15.31 2.11
CA ASP B 426 -7.61 -16.71 2.19
C ASP B 426 -8.73 -17.03 1.19
N HIS B 427 -9.73 -16.13 1.09
CA HIS B 427 -10.84 -16.21 0.14
C HIS B 427 -10.93 -14.86 -0.58
N GLY B 428 -11.41 -14.87 -1.82
CA GLY B 428 -11.56 -13.65 -2.58
C GLY B 428 -10.25 -13.16 -3.17
N VAL B 429 -10.20 -11.88 -3.49
CA VAL B 429 -9.04 -11.29 -4.15
C VAL B 429 -8.53 -10.08 -3.36
N PRO B 430 -7.25 -9.65 -3.52
CA PRO B 430 -6.78 -8.42 -2.82
C PRO B 430 -7.68 -7.23 -3.19
N SER B 431 -8.02 -6.39 -2.21
CA SER B 431 -8.89 -5.22 -2.46
C SER B 431 -8.20 -4.14 -3.29
N ASP B 432 -6.85 -4.21 -3.37
CA ASP B 432 -6.05 -3.33 -4.18
C ASP B 432 -5.04 -4.13 -5.01
N PRO B 433 -4.86 -3.87 -6.33
CA PRO B 433 -3.91 -4.67 -7.12
C PRO B 433 -2.44 -4.21 -7.05
N GLY B 434 -2.19 -3.10 -6.35
CA GLY B 434 -0.87 -2.51 -6.21
C GLY B 434 0.24 -3.47 -5.83
N GLY B 435 0.00 -4.28 -4.79
CA GLY B 435 0.96 -5.27 -4.31
C GLY B 435 1.28 -6.31 -5.36
N VAL B 436 0.25 -6.84 -6.03
CA VAL B 436 0.45 -7.85 -7.09
C VAL B 436 1.25 -7.23 -8.23
N LEU B 437 0.92 -5.97 -8.63
CA LEU B 437 1.62 -5.32 -9.75
C LEU B 437 3.07 -5.02 -9.43
N ASP B 438 3.36 -4.55 -8.22
CA ASP B 438 4.77 -4.24 -7.86
C ASP B 438 5.59 -5.54 -7.82
N PHE B 439 4.95 -6.64 -7.38
CA PHE B 439 5.58 -7.97 -7.34
C PHE B 439 5.89 -8.48 -8.76
N LEU B 440 4.88 -8.46 -9.65
CA LEU B 440 5.06 -8.88 -11.04
C LEU B 440 6.10 -8.03 -11.77
N GLU B 441 6.12 -6.70 -11.52
CA GLU B 441 7.13 -5.84 -12.15
C GLU B 441 8.53 -6.31 -11.75
N GLU B 442 8.74 -6.62 -10.45
CA GLU B 442 10.04 -7.08 -9.95
C GLU B 442 10.40 -8.45 -10.57
N VAL B 443 9.43 -9.39 -10.62
CA VAL B 443 9.62 -10.73 -11.23
C VAL B 443 10.01 -10.56 -12.72
N HIS B 444 9.32 -9.64 -13.44
CA HIS B 444 9.58 -9.39 -14.85
C HIS B 444 11.04 -8.97 -15.09
N HIS B 445 11.52 -8.00 -14.30
CA HIS B 445 12.88 -7.50 -14.45
C HIS B 445 13.91 -8.56 -14.13
N LYS B 446 13.66 -9.40 -13.09
CA LYS B 446 14.59 -10.51 -12.78
C LYS B 446 14.72 -11.43 -13.99
N GLN B 447 13.58 -11.91 -14.55
CA GLN B 447 13.53 -12.76 -15.73
C GLN B 447 14.24 -12.12 -16.94
N GLU B 448 13.94 -10.86 -17.21
CA GLU B 448 14.54 -10.15 -18.32
C GLU B 448 16.09 -10.01 -18.18
N SER B 449 16.61 -9.92 -16.94
CA SER B 449 18.04 -9.77 -16.69
C SER B 449 18.83 -11.07 -16.89
N ILE B 450 18.14 -12.21 -17.05
CA ILE B 450 18.81 -13.52 -17.16
C ILE B 450 18.78 -14.01 -18.57
N MET B 451 19.96 -14.01 -19.19
CA MET B 451 20.13 -14.47 -20.56
C MET B 451 19.69 -15.95 -20.68
N ASP B 452 18.82 -16.23 -21.65
CA ASP B 452 18.25 -17.54 -21.99
C ASP B 452 17.53 -18.26 -20.82
N ALA B 453 16.95 -17.51 -19.83
CA ALA B 453 16.16 -18.11 -18.77
C ALA B 453 14.95 -18.83 -19.43
N GLY B 454 14.56 -19.97 -18.89
CA GLY B 454 13.44 -20.73 -19.43
C GLY B 454 12.12 -20.13 -18.98
N PRO B 455 11.03 -20.93 -19.03
CA PRO B 455 9.74 -20.41 -18.58
C PRO B 455 9.72 -20.13 -17.07
N VAL B 456 8.98 -19.10 -16.67
CA VAL B 456 8.76 -18.71 -15.28
C VAL B 456 7.73 -19.71 -14.68
N VAL B 457 8.12 -20.42 -13.61
CA VAL B 457 7.23 -21.37 -12.93
C VAL B 457 6.26 -20.61 -12.03
N VAL B 458 4.95 -20.87 -12.20
CA VAL B 458 3.93 -20.22 -11.38
C VAL B 458 3.05 -21.30 -10.74
N HIS B 459 2.87 -21.24 -9.42
CA HIS B 459 2.04 -22.25 -8.74
C HIS B 459 1.29 -21.66 -7.53
N CYS B 460 0.16 -22.26 -7.21
CA CYS B 460 -0.62 -21.94 -6.01
C CYS B 460 -0.89 -23.28 -5.34
N SER B 461 -2.17 -23.68 -5.19
CA SER B 461 -2.60 -24.98 -4.64
C SER B 461 -2.92 -25.94 -5.81
N ALA B 462 -4.07 -25.75 -6.51
CA ALA B 462 -4.41 -26.58 -7.67
C ALA B 462 -3.67 -26.08 -8.93
N GLY B 463 -3.17 -24.84 -8.90
CA GLY B 463 -2.42 -24.28 -10.03
C GLY B 463 -3.28 -23.79 -11.18
N ILE B 464 -4.52 -23.35 -10.87
CA ILE B 464 -5.38 -22.83 -11.96
C ILE B 464 -6.02 -21.46 -11.64
N GLY B 465 -6.42 -21.24 -10.38
CA GLY B 465 -7.12 -20.00 -9.99
C GLY B 465 -6.19 -18.82 -9.82
N ARG B 466 -5.47 -18.80 -8.72
CA ARG B 466 -4.50 -17.72 -8.47
C ARG B 466 -3.43 -17.73 -9.55
N THR B 467 -2.92 -18.93 -9.88
CA THR B 467 -1.88 -19.13 -10.88
C THR B 467 -2.34 -18.53 -12.20
N GLY B 468 -3.55 -18.90 -12.63
CA GLY B 468 -4.13 -18.38 -13.86
C GLY B 468 -4.25 -16.88 -13.81
N THR B 469 -4.67 -16.32 -12.67
CA THR B 469 -4.84 -14.86 -12.50
C THR B 469 -3.50 -14.09 -12.65
N PHE B 470 -2.46 -14.52 -11.91
CA PHE B 470 -1.11 -13.93 -11.95
C PHE B 470 -0.57 -13.97 -13.38
N ILE B 471 -0.70 -15.13 -14.06
CA ILE B 471 -0.20 -15.28 -15.44
C ILE B 471 -0.90 -14.33 -16.40
N VAL B 472 -2.23 -14.31 -16.37
CA VAL B 472 -3.00 -13.44 -17.27
C VAL B 472 -2.64 -11.97 -17.05
N ILE B 473 -2.57 -11.52 -15.79
CA ILE B 473 -2.16 -10.12 -15.50
C ILE B 473 -0.77 -9.89 -16.09
N ASP B 474 0.14 -10.85 -15.88
CA ASP B 474 1.51 -10.73 -16.39
C ASP B 474 1.56 -10.57 -17.89
N ILE B 475 0.80 -11.41 -18.63
CA ILE B 475 0.76 -11.34 -20.09
C ILE B 475 0.26 -9.93 -20.53
N LEU B 476 -0.82 -9.48 -19.93
CA LEU B 476 -1.48 -8.22 -20.30
C LEU B 476 -0.61 -7.00 -20.00
N ILE B 477 0.03 -6.95 -18.82
CA ILE B 477 0.90 -5.83 -18.46
C ILE B 477 2.17 -5.85 -19.34
N ASP B 478 2.65 -7.05 -19.79
CA ASP B 478 3.79 -7.18 -20.71
C ASP B 478 3.52 -6.49 -22.06
N ILE B 479 2.28 -6.61 -22.58
CA ILE B 479 1.83 -5.95 -23.82
C ILE B 479 1.94 -4.42 -23.62
N ILE B 480 1.35 -3.89 -22.52
CA ILE B 480 1.33 -2.47 -22.16
C ILE B 480 2.72 -1.91 -21.86
N ARG B 481 3.59 -2.66 -21.17
CA ARG B 481 4.95 -2.22 -20.83
C ARG B 481 5.75 -1.97 -22.12
N GLU B 482 5.60 -2.86 -23.11
CA GLU B 482 6.26 -2.82 -24.41
C GLU B 482 5.71 -1.75 -25.36
N LYS B 483 4.35 -1.68 -25.52
CA LYS B 483 3.69 -0.80 -26.50
C LYS B 483 3.10 0.50 -25.97
N GLY B 484 3.04 0.63 -24.64
CA GLY B 484 2.44 1.79 -24.00
C GLY B 484 0.93 1.77 -24.13
N VAL B 485 0.30 2.93 -23.87
CA VAL B 485 -1.14 3.18 -23.93
C VAL B 485 -1.78 2.82 -25.30
N ASP B 486 -0.99 2.88 -26.38
CA ASP B 486 -1.48 2.62 -27.73
C ASP B 486 -1.30 1.18 -28.18
N CYS B 487 -2.07 0.29 -27.54
CA CYS B 487 -2.14 -1.14 -27.87
C CYS B 487 -3.54 -1.62 -27.59
N ASP B 488 -3.93 -2.68 -28.28
CA ASP B 488 -5.22 -3.32 -28.08
C ASP B 488 -5.05 -4.41 -27.03
N ILE B 489 -5.96 -4.43 -26.05
CA ILE B 489 -6.00 -5.51 -25.08
C ILE B 489 -7.42 -6.11 -25.08
N ASP B 490 -7.50 -7.44 -24.96
CA ASP B 490 -8.76 -8.16 -24.99
C ASP B 490 -8.66 -9.24 -23.89
N VAL B 491 -9.12 -8.88 -22.67
CA VAL B 491 -9.07 -9.72 -21.47
C VAL B 491 -9.65 -11.14 -21.73
N PRO B 492 -10.94 -11.35 -22.14
CA PRO B 492 -11.43 -12.73 -22.35
C PRO B 492 -10.69 -13.51 -23.44
N LYS B 493 -10.22 -12.85 -24.52
CA LYS B 493 -9.43 -13.54 -25.55
C LYS B 493 -8.14 -14.11 -24.93
N THR B 494 -7.41 -13.28 -24.14
CA THR B 494 -6.17 -13.69 -23.49
C THR B 494 -6.47 -14.86 -22.54
N ILE B 495 -7.58 -14.77 -21.77
CA ILE B 495 -7.94 -15.85 -20.83
C ILE B 495 -8.27 -17.14 -21.58
N GLN B 496 -9.07 -17.04 -22.68
CA GLN B 496 -9.41 -18.24 -23.45
C GLN B 496 -8.16 -18.94 -24.01
N MET B 497 -7.18 -18.15 -24.51
CA MET B 497 -5.91 -18.64 -25.06
C MET B 497 -5.10 -19.41 -23.96
N VAL B 498 -5.09 -18.87 -22.73
CA VAL B 498 -4.39 -19.50 -21.59
C VAL B 498 -5.13 -20.78 -21.13
N ARG B 499 -6.47 -20.75 -21.10
CA ARG B 499 -7.33 -21.87 -20.72
C ARG B 499 -7.26 -23.01 -21.71
N SER B 500 -6.83 -22.72 -22.95
CA SER B 500 -6.66 -23.79 -23.94
C SER B 500 -5.38 -24.57 -23.65
N GLN B 501 -4.54 -24.08 -22.72
CA GLN B 501 -3.25 -24.72 -22.38
C GLN B 501 -3.22 -25.33 -20.97
N ARG B 502 -4.16 -24.97 -20.11
CA ARG B 502 -4.33 -25.62 -18.78
C ARG B 502 -5.76 -25.38 -18.36
N SER B 503 -6.42 -26.41 -17.84
CA SER B 503 -7.84 -26.31 -17.45
C SER B 503 -8.19 -25.24 -16.45
N GLY B 504 -9.26 -24.53 -16.76
CA GLY B 504 -9.87 -23.52 -15.90
C GLY B 504 -8.97 -22.43 -15.37
N MET B 505 -7.96 -21.99 -16.18
CA MET B 505 -7.04 -20.91 -15.79
C MET B 505 -7.93 -19.67 -15.62
N VAL B 506 -7.97 -19.11 -14.40
CA VAL B 506 -8.85 -18.01 -13.94
C VAL B 506 -10.18 -18.68 -13.55
N GLN B 507 -10.39 -18.76 -12.25
CA GLN B 507 -11.52 -19.50 -11.69
C GLN B 507 -12.81 -18.72 -11.46
N THR B 508 -12.73 -17.50 -10.95
CA THR B 508 -13.91 -16.79 -10.50
C THR B 508 -14.13 -15.47 -11.15
N GLU B 509 -15.36 -14.97 -11.01
CA GLU B 509 -15.73 -13.65 -11.48
C GLU B 509 -14.94 -12.60 -10.68
N ALA B 510 -14.67 -12.83 -9.37
CA ALA B 510 -13.89 -11.87 -8.57
C ALA B 510 -12.45 -11.74 -9.13
N GLN B 511 -11.86 -12.86 -9.56
CA GLN B 511 -10.52 -12.85 -10.21
C GLN B 511 -10.59 -12.14 -11.57
N TYR B 512 -11.67 -12.34 -12.33
CA TYR B 512 -11.86 -11.72 -13.64
C TYR B 512 -11.89 -10.20 -13.45
N ARG B 513 -12.67 -9.71 -12.46
CA ARG B 513 -12.76 -8.27 -12.15
C ARG B 513 -11.38 -7.78 -11.73
N PHE B 514 -10.68 -8.57 -10.88
CA PHE B 514 -9.34 -8.21 -10.39
C PHE B 514 -8.35 -8.00 -11.53
N ILE B 515 -8.38 -8.84 -12.59
CA ILE B 515 -7.53 -8.74 -13.78
C ILE B 515 -7.69 -7.36 -14.38
N TYR B 516 -8.97 -6.96 -14.66
CA TYR B 516 -9.33 -5.64 -15.20
C TYR B 516 -8.84 -4.50 -14.29
N MET B 517 -9.04 -4.63 -12.95
CA MET B 517 -8.60 -3.64 -11.95
CA MET B 517 -8.61 -3.61 -11.99
C MET B 517 -7.07 -3.49 -11.99
N ALA B 518 -6.35 -4.62 -12.12
CA ALA B 518 -4.89 -4.62 -12.17
C ALA B 518 -4.38 -3.94 -13.44
N VAL B 519 -4.97 -4.25 -14.60
CA VAL B 519 -4.60 -3.67 -15.88
C VAL B 519 -4.90 -2.15 -15.87
N GLN B 520 -6.03 -1.75 -15.25
CA GLN B 520 -6.43 -0.33 -15.12
C GLN B 520 -5.41 0.42 -14.29
N HIS B 521 -5.09 -0.10 -13.09
CA HIS B 521 -4.11 0.43 -12.16
C HIS B 521 -2.74 0.56 -12.84
N TYR B 522 -2.29 -0.47 -13.62
CA TYR B 522 -1.00 -0.42 -14.32
C TYR B 522 -0.98 0.74 -15.33
N ILE B 523 -2.06 0.88 -16.12
CA ILE B 523 -2.21 1.93 -17.14
C ILE B 523 -2.18 3.32 -16.47
N GLU B 524 -2.90 3.49 -15.34
CA GLU B 524 -2.96 4.72 -14.54
C GLU B 524 -1.58 5.18 -14.02
N THR B 525 -0.69 4.24 -13.69
CA THR B 525 0.65 4.57 -13.14
C THR B 525 1.73 4.78 -14.24
N LEU B 526 1.33 4.85 -15.51
CA LEU B 526 2.22 5.11 -16.67
C LEU B 526 2.56 6.61 -16.81
C2 5OA C . 17.34 33.73 16.19
C3 5OA C . 18.87 34.01 16.05
C11 5OA C . 11.46 30.47 18.52
C12 5OA C . 12.70 29.82 18.40
C13 5OA C . 13.83 30.42 17.63
C14 5OA C . 14.28 31.67 18.06
C16 5OA C . 15.87 31.75 16.30
C18 5OA C . 14.44 29.87 16.48
C22 5OA C . 19.16 35.54 16.09
C23 5OA C . 19.74 31.47 13.28
N1 5OA C . 16.90 32.41 15.68
N4 5OA C . 19.42 33.40 14.81
C5 5OA C . 19.10 31.98 14.58
C6 5OA C . 17.55 31.83 14.48
C7 5OA C . 12.94 28.66 19.15
C8 5OA C . 11.92 28.11 19.92
C9 5OA C . 10.68 28.73 20.03
C10 5OA C . 10.43 29.91 19.30
N15 5OA C . 15.26 32.29 17.39
N17 5OA C . 15.44 30.54 15.87
N19 5OA C . 14.09 28.68 15.94
CL1 5OA C . 12.27 26.66 20.82
CL2 5OA C . 14.53 27.95 19.13
P PO4 D . 10.82 0.76 8.75
O1 PO4 D . 10.64 1.83 9.92
O2 PO4 D . 11.87 1.30 7.73
O3 PO4 D . 9.39 0.58 8.04
O4 PO4 D . 11.35 -0.59 9.42
P PO4 E . 18.57 28.43 26.67
O1 PO4 E . 18.43 29.60 25.60
O2 PO4 E . 17.42 28.57 27.77
O3 PO4 E . 19.95 28.51 27.39
O4 PO4 E . 18.48 27.01 25.93
P PO4 F . 7.33 35.33 22.78
O1 PO4 F . 8.09 36.65 22.47
O2 PO4 F . 6.99 35.27 24.34
O3 PO4 F . 5.97 35.25 21.94
O4 PO4 F . 8.27 34.09 22.39
P PO4 G . 30.67 13.54 6.79
O1 PO4 G . 30.58 15.08 7.24
O2 PO4 G . 31.91 13.34 5.86
O3 PO4 G . 29.31 13.21 6.03
O4 PO4 G . 30.78 12.58 8.07
P PO4 H . 29.66 48.70 19.32
O1 PO4 H . 29.53 50.11 18.68
O2 PO4 H . 28.66 48.62 20.57
O3 PO4 H . 29.33 47.60 18.20
O4 PO4 H . 31.14 48.44 19.87
C2 5OA I . -20.35 -9.52 -25.86
C3 5OA I . -21.88 -9.67 -25.92
C11 5OA I . -13.99 -12.69 -26.16
C12 5OA I . -15.11 -13.32 -25.63
C13 5OA I . -16.36 -12.55 -25.34
C14 5OA I . -17.01 -11.89 -26.40
C16 5OA I . -18.64 -11.02 -24.93
C18 5OA I . -16.89 -12.36 -24.04
C22 5OA I . -22.45 -8.66 -26.95
C23 5OA I . -22.52 -9.65 -22.13
N1 5OA I . -19.76 -10.27 -24.74
N4 5OA I . -22.42 -9.37 -24.58
C5 5OA I . -21.92 -10.20 -23.44
C6 5OA I . -20.36 -10.15 -23.39
C7 5OA I . -15.08 -14.71 -25.43
C8 5OA I . -13.94 -15.48 -25.72
C9 5OA I . -12.82 -14.84 -26.22
C10 5OA I . -12.85 -13.45 -26.47
N15 5OA I . -18.12 -11.17 -26.17
N17 5OA I . -18.00 -11.59 -23.88
N19 5OA I . -16.35 -12.88 -22.92
CL1 5OA I . -13.99 -17.22 -25.48
CL2 5OA I . -16.50 -15.50 -24.87
P PO4 J . -29.87 -21.39 -4.47
O1 PO4 J . -30.19 -20.43 -5.70
O2 PO4 J . -31.05 -21.30 -3.38
O3 PO4 J . -28.57 -20.97 -3.78
O4 PO4 J . -29.71 -22.91 -4.91
P PO4 K . -8.14 -28.14 0.63
O1 PO4 K . -8.87 -26.77 0.99
O2 PO4 K . -6.62 -28.05 1.02
O3 PO4 K . -8.26 -28.42 -0.93
O4 PO4 K . -8.85 -29.33 1.44
P PO4 L . -20.65 -20.98 -30.43
O1 PO4 L . -21.03 -19.46 -30.09
O2 PO4 L . -20.20 -21.72 -29.09
O3 PO4 L . -21.89 -21.70 -31.04
O4 PO4 L . -19.47 -21.00 -31.51
#